data_4J2X
#
_entry.id   4J2X
#
_cell.length_a   62.157
_cell.length_b   97.293
_cell.length_c   144.102
_cell.angle_alpha   90.00
_cell.angle_beta   93.17
_cell.angle_gamma   90.00
#
_symmetry.space_group_name_H-M   'P 1 21 1'
#
loop_
_entity.id
_entity.type
_entity.pdbx_description
1 polymer 'Recombining binding protein suppressor of hairless'
2 polymer 'Four and a half LIM domains protein 1'
3 polymer "5'-D(*AP*AP*TP*CP*TP*TP*TP*CP*CP*CP*AP*CP*AP*GP*T)-3'"
4 polymer "5'-D(*TP*TP*AP*CP*TP*GP*TP*GP*GP*GP*AP*AP*AP*GP*A)-3'"
5 non-polymer 1,2-ETHANEDIOL
6 water water
#
loop_
_entity_poly.entity_id
_entity_poly.type
_entity_poly.pdbx_seq_one_letter_code
_entity_poly.pdbx_strand_id
1 'polypeptide(L)'
;GPLGSPPKRLTREAMRNYLKERGDQTVLILHAKVAQKSYGNEKRFFCPPPCVYLMGSGWKKKKEQMETDGCSEQESQPCA
FIGIGNSDQEMQQLNLEGKNYCTAKTLYISDSDKRKHFMLSVKMFYGNSDDIGVFLSKRIKVISKPSKKKQSLKNADLCI
ASGTKVALFNRLRSQTVSTRYLHVEGGNFHASSQQWGAFYIHLLDDDESEGEEFTVRDGYIHYGQTVKLVCSVTGMALPR
LIIRKVDKQTALLDADDPVSQLHKCAFYLKDTERMYLCLSQERIIQFQATPCPKEQNKEMINDGASWTIISTDKAEYTFY
EGMGPVLAPVTPVPVVESLQLNGGGDVAMLELTGQNFTPNLRVWFGDVEAETMYRCGESMLCVVPDISAFREGWRWVRQP
VQVPVTLVRNDGVIYSTSLTFTYTPEP
;
A,C
2 'polypeptide(L)' SGLVKAPVWWPMKDNPGTTTASTAKNAP B,D
3 'polydeoxyribonucleotide' (DA)(DA)(DT)(DC)(DT)(DT)(DT)(DC)(DC)(DC)(DA)(DC)(DA)(DG)(DT) E,G
4 'polydeoxyribonucleotide' (DT)(DT)(DA)(DC)(DT)(DG)(DT)(DG)(DG)(DG)(DA)(DA)(DA)(DG)(DA) F,H
#
# COMPACT_ATOMS: atom_id res chain seq x y z
N PRO A 6 34.15 -15.02 2.18
CA PRO A 6 33.70 -16.42 2.30
C PRO A 6 32.16 -16.58 2.20
N PRO A 7 31.61 -16.96 1.00
CA PRO A 7 30.14 -17.07 0.82
C PRO A 7 29.31 -17.84 1.87
N LYS A 8 28.05 -17.36 2.06
CA LYS A 8 27.06 -17.85 3.02
C LYS A 8 25.65 -18.08 2.41
N ARG A 9 24.98 -19.14 2.86
CA ARG A 9 23.63 -19.49 2.46
C ARG A 9 22.64 -18.50 3.09
N LEU A 10 21.45 -18.31 2.47
CA LEU A 10 20.46 -17.39 3.07
C LEU A 10 19.79 -18.04 4.26
N THR A 11 19.64 -17.28 5.36
CA THR A 11 18.98 -17.73 6.58
C THR A 11 17.57 -17.18 6.60
N ARG A 12 16.65 -17.88 7.29
CA ARG A 12 15.25 -17.46 7.42
C ARG A 12 15.18 -16.03 8.01
N GLU A 13 16.10 -15.69 9.01
CA GLU A 13 16.21 -14.35 9.63
C GLU A 13 16.48 -13.29 8.55
N ALA A 14 17.51 -13.51 7.72
CA ALA A 14 17.85 -12.66 6.59
C ALA A 14 16.68 -12.63 5.61
N MET A 15 16.04 -13.80 5.32
CA MET A 15 14.89 -13.78 4.40
C MET A 15 13.80 -12.90 4.98
N ARG A 16 13.44 -13.13 6.26
CA ARG A 16 12.44 -12.36 7.00
C ARG A 16 12.72 -10.88 6.87
N ASN A 17 13.96 -10.48 7.14
CA ASN A 17 14.42 -9.09 7.06
C ASN A 17 14.24 -8.45 5.70
N TYR A 18 14.52 -9.20 4.62
CA TYR A 18 14.35 -8.73 3.25
C TYR A 18 12.87 -8.46 3.00
N LEU A 19 12.03 -9.43 3.37
CA LEU A 19 10.59 -9.31 3.18
C LEU A 19 9.97 -8.14 3.92
N LYS A 20 10.57 -7.72 5.05
CA LYS A 20 10.15 -6.53 5.82
C LYS A 20 10.29 -5.25 4.97
N GLU A 21 11.43 -5.02 4.30
CA GLU A 21 11.65 -3.88 3.38
C GLU A 21 12.05 -4.42 2.02
N ARG A 22 11.12 -4.46 1.07
CA ARG A 22 11.43 -5.06 -0.24
C ARG A 22 12.36 -4.17 -1.17
N GLY A 23 13.54 -3.81 -0.62
CA GLY A 23 14.53 -2.94 -1.23
C GLY A 23 15.36 -3.55 -2.33
N ASP A 24 14.72 -3.90 -3.48
CA ASP A 24 15.40 -4.53 -4.61
C ASP A 24 16.08 -3.55 -5.51
N GLN A 25 17.10 -4.04 -6.26
CA GLN A 25 17.88 -3.33 -7.26
C GLN A 25 17.46 -3.93 -8.58
N THR A 26 16.81 -3.14 -9.43
CA THR A 26 16.31 -3.57 -10.74
C THR A 26 17.10 -2.88 -11.87
N VAL A 27 17.37 -3.64 -12.95
CA VAL A 27 18.02 -3.12 -14.15
C VAL A 27 17.07 -3.35 -15.28
N LEU A 28 16.67 -2.26 -15.98
CA LEU A 28 15.80 -2.32 -17.14
C LEU A 28 16.58 -1.95 -18.38
N ILE A 29 16.46 -2.75 -19.46
CA ILE A 29 17.06 -2.43 -20.75
C ILE A 29 15.89 -2.36 -21.71
N LEU A 30 15.53 -1.12 -22.12
CA LEU A 30 14.45 -0.78 -23.05
C LEU A 30 15.04 -0.54 -24.46
N HIS A 31 14.55 -1.29 -25.46
CA HIS A 31 15.13 -1.22 -26.81
C HIS A 31 14.20 -1.65 -27.93
N ALA A 32 14.64 -1.53 -29.19
CA ALA A 32 13.91 -1.97 -30.37
C ALA A 32 14.23 -3.43 -30.67
N LYS A 33 13.28 -4.16 -31.25
CA LYS A 33 13.43 -5.59 -31.56
C LYS A 33 14.32 -5.82 -32.81
N VAL A 34 14.44 -4.81 -33.66
CA VAL A 34 15.27 -4.87 -34.88
C VAL A 34 16.32 -3.76 -34.90
N ALA A 35 17.27 -3.86 -35.83
CA ALA A 35 18.38 -2.93 -36.02
C ALA A 35 18.84 -3.00 -37.47
N GLN A 36 19.00 -1.84 -38.10
CA GLN A 36 19.47 -1.72 -39.49
C GLN A 36 21.00 -1.66 -39.47
N LYS A 37 21.65 -2.42 -40.35
CA LYS A 37 23.11 -2.45 -40.41
C LYS A 37 23.78 -1.35 -41.26
N SER A 38 25.02 -1.04 -40.89
CA SER A 38 25.90 -0.04 -41.51
C SER A 38 26.92 -0.79 -42.37
N TYR A 39 27.53 -0.10 -43.36
CA TYR A 39 28.46 -0.69 -44.31
C TYR A 39 29.83 0.03 -44.47
N GLY A 40 29.87 1.02 -45.35
CA GLY A 40 31.11 1.71 -45.71
C GLY A 40 31.62 2.75 -44.72
N ASN A 41 31.97 2.28 -43.50
CA ASN A 41 32.45 3.11 -42.38
C ASN A 41 31.29 3.89 -41.76
N GLU A 42 30.07 3.80 -42.37
CA GLU A 42 28.84 4.46 -41.91
C GLU A 42 28.42 3.99 -40.56
N LYS A 43 27.75 4.87 -39.81
CA LYS A 43 27.27 4.64 -38.44
C LYS A 43 25.80 4.97 -38.43
N ARG A 44 24.99 3.96 -38.79
CA ARG A 44 23.53 4.05 -38.81
C ARG A 44 23.03 3.72 -37.40
N PHE A 45 23.03 4.74 -36.52
CA PHE A 45 22.66 4.64 -35.10
C PHE A 45 21.32 4.00 -34.82
N PHE A 46 21.26 3.20 -33.74
CA PHE A 46 20.04 2.51 -33.31
C PHE A 46 19.03 3.55 -32.88
N CYS A 47 17.84 3.49 -33.52
CA CYS A 47 16.73 4.40 -33.27
CA CYS A 47 16.73 4.41 -33.27
C CYS A 47 15.43 3.62 -33.06
N PRO A 48 14.76 3.77 -31.88
CA PRO A 48 15.10 4.62 -30.73
C PRO A 48 16.37 4.17 -29.97
N PRO A 49 17.08 5.09 -29.30
CA PRO A 49 18.27 4.67 -28.56
C PRO A 49 17.89 3.76 -27.40
N PRO A 50 18.63 2.63 -27.23
CA PRO A 50 18.41 1.75 -26.08
C PRO A 50 18.54 2.51 -24.76
N CYS A 51 17.77 2.12 -23.77
CA CYS A 51 17.77 2.85 -22.51
C CYS A 51 17.90 1.95 -21.32
N VAL A 52 18.89 2.27 -20.48
CA VAL A 52 19.15 1.56 -19.24
C VAL A 52 18.59 2.41 -18.12
N TYR A 53 17.64 1.82 -17.34
CA TYR A 53 17.02 2.43 -16.15
C TYR A 53 17.43 1.58 -14.96
N LEU A 54 17.84 2.23 -13.89
CA LEU A 54 18.15 1.60 -12.62
C LEU A 54 16.96 1.91 -11.72
N MET A 55 16.14 0.91 -11.47
CA MET A 55 14.93 1.09 -10.69
C MET A 55 15.00 0.40 -9.35
N GLY A 56 14.25 0.92 -8.39
CA GLY A 56 14.15 0.30 -7.08
C GLY A 56 14.87 0.95 -5.94
N SER A 57 14.26 0.82 -4.75
CA SER A 57 14.74 1.37 -3.49
C SER A 57 16.11 0.83 -3.07
N GLY A 58 16.52 -0.27 -3.70
CA GLY A 58 17.80 -0.92 -3.42
C GLY A 58 19.03 -0.15 -3.81
N TRP A 59 18.95 0.68 -4.87
CA TRP A 59 20.09 1.47 -5.33
C TRP A 59 20.54 2.46 -4.25
N LYS A 60 19.58 3.19 -3.64
CA LYS A 60 19.81 4.14 -2.54
C LYS A 60 20.28 3.35 -1.30
N LYS A 61 19.62 2.22 -0.97
CA LYS A 61 20.00 1.39 0.19
C LYS A 61 21.48 0.97 0.07
N LYS A 62 21.92 0.56 -1.14
CA LYS A 62 23.30 0.18 -1.44
C LYS A 62 24.25 1.40 -1.40
N LYS A 63 23.82 2.57 -1.92
CA LYS A 63 24.61 3.80 -1.86
C LYS A 63 24.86 4.12 -0.39
N GLU A 64 23.83 3.98 0.46
CA GLU A 64 23.92 4.24 1.89
C GLU A 64 24.92 3.28 2.55
N GLN A 65 24.77 1.94 2.30
CA GLN A 65 25.65 0.87 2.82
C GLN A 65 27.14 1.13 2.48
N MET A 66 27.42 1.36 1.18
CA MET A 66 28.77 1.60 0.67
C MET A 66 29.41 2.83 1.29
N GLU A 67 28.66 3.95 1.34
CA GLU A 67 29.14 5.21 1.91
C GLU A 67 29.44 5.14 3.42
N THR A 68 28.69 4.32 4.20
CA THR A 68 28.94 4.19 5.65
C THR A 68 30.21 3.37 5.88
N ASP A 69 30.45 2.36 5.00
CA ASP A 69 31.62 1.48 5.04
C ASP A 69 32.91 2.26 4.71
N GLY A 70 32.79 3.35 3.95
CA GLY A 70 33.91 4.21 3.64
C GLY A 70 33.99 4.77 2.23
N CYS A 71 33.04 4.43 1.39
CA CYS A 71 33.04 4.89 0.01
C CYS A 71 32.63 6.34 -0.14
N SER A 72 33.23 7.04 -1.11
CA SER A 72 32.90 8.41 -1.45
C SER A 72 31.71 8.34 -2.42
N GLU A 73 31.06 9.48 -2.75
CA GLU A 73 29.95 9.50 -3.70
C GLU A 73 30.41 8.98 -5.06
N GLN A 74 31.70 9.25 -5.39
CA GLN A 74 32.36 8.82 -6.62
C GLN A 74 32.44 7.29 -6.68
N GLU A 75 32.85 6.70 -5.55
CA GLU A 75 33.00 5.25 -5.36
C GLU A 75 31.68 4.50 -5.31
N SER A 76 30.62 5.10 -4.73
CA SER A 76 29.30 4.48 -4.55
C SER A 76 28.38 4.57 -5.82
N GLN A 77 28.77 5.40 -6.78
CA GLN A 77 28.04 5.64 -8.01
C GLN A 77 28.10 4.46 -8.96
N PRO A 78 26.94 3.87 -9.34
CA PRO A 78 26.95 2.76 -10.33
C PRO A 78 27.42 3.28 -11.68
N CYS A 79 28.09 2.41 -12.46
CA CYS A 79 28.60 2.70 -13.80
C CYS A 79 28.08 1.65 -14.73
N ALA A 80 27.77 2.07 -15.93
CA ALA A 80 27.25 1.21 -16.95
C ALA A 80 28.03 1.48 -18.21
N PHE A 81 28.14 0.43 -19.03
CA PHE A 81 28.79 0.45 -20.32
C PHE A 81 27.94 -0.41 -21.20
N ILE A 82 27.75 0.00 -22.45
CA ILE A 82 26.90 -0.72 -23.37
C ILE A 82 27.65 -1.20 -24.63
N GLY A 83 27.20 -2.33 -25.17
CA GLY A 83 27.76 -2.88 -26.39
C GLY A 83 26.90 -3.95 -26.98
N ILE A 84 27.36 -4.53 -28.09
CA ILE A 84 26.71 -5.63 -28.81
C ILE A 84 27.46 -6.97 -28.57
N GLY A 85 26.78 -8.12 -28.69
CA GLY A 85 27.31 -9.42 -28.32
C GLY A 85 28.14 -10.26 -29.30
N ASN A 86 29.51 -10.14 -29.32
CA ASN A 86 30.30 -9.21 -28.51
C ASN A 86 31.26 -8.29 -29.31
N SER A 87 31.42 -8.55 -30.63
CA SER A 87 32.31 -7.78 -31.51
C SER A 87 33.79 -7.80 -31.01
N ASP A 88 34.56 -6.72 -31.27
CA ASP A 88 35.96 -6.62 -30.83
C ASP A 88 36.14 -5.78 -29.54
N GLN A 89 35.05 -5.70 -28.71
CA GLN A 89 34.95 -5.03 -27.40
C GLN A 89 34.80 -3.49 -27.34
N GLU A 90 34.16 -2.89 -28.36
CA GLU A 90 33.89 -1.46 -28.42
C GLU A 90 32.64 -1.20 -27.55
N MET A 91 32.85 -0.78 -26.29
CA MET A 91 31.80 -0.49 -25.34
C MET A 91 31.74 0.97 -24.96
N GLN A 92 30.55 1.59 -25.12
CA GLN A 92 30.28 2.99 -24.81
C GLN A 92 29.83 3.21 -23.38
N GLN A 93 30.41 4.21 -22.73
CA GLN A 93 30.07 4.54 -21.35
C GLN A 93 28.79 5.29 -21.30
N LEU A 94 27.88 4.83 -20.44
CA LEU A 94 26.62 5.51 -20.20
C LEU A 94 26.84 6.43 -19.00
N ASN A 95 26.28 7.64 -19.07
CA ASN A 95 26.40 8.54 -17.93
C ASN A 95 25.10 8.60 -17.14
N LEU A 96 25.08 7.89 -15.99
CA LEU A 96 23.93 7.86 -15.07
C LEU A 96 24.20 8.77 -13.85
N GLU A 97 25.24 9.64 -13.93
CA GLU A 97 25.56 10.53 -12.83
C GLU A 97 24.40 11.49 -12.59
N GLY A 98 23.72 11.25 -11.47
CA GLY A 98 22.56 12.01 -11.01
C GLY A 98 21.25 11.68 -11.71
N LYS A 99 21.25 10.65 -12.56
CA LYS A 99 20.09 10.20 -13.34
C LYS A 99 19.77 8.73 -13.04
N ASN A 100 18.49 8.37 -13.02
CA ASN A 100 18.07 6.99 -12.78
C ASN A 100 18.16 6.19 -14.10
N TYR A 101 18.44 6.88 -15.22
CA TYR A 101 18.49 6.26 -16.54
C TYR A 101 19.41 6.99 -17.48
N CYS A 102 19.75 6.35 -18.61
CA CYS A 102 20.56 6.93 -19.67
C CYS A 102 20.34 6.23 -20.98
N THR A 103 20.35 6.98 -22.12
CA THR A 103 20.20 6.36 -23.45
C THR A 103 21.53 6.14 -24.19
N ALA A 104 21.59 5.03 -24.97
CA ALA A 104 22.72 4.62 -25.79
C ALA A 104 22.49 5.22 -27.19
N LYS A 105 22.85 6.50 -27.27
CA LYS A 105 22.65 7.38 -28.42
C LYS A 105 23.51 7.08 -29.64
N THR A 106 24.69 6.45 -29.46
CA THR A 106 25.66 6.19 -30.54
C THR A 106 26.00 4.73 -30.86
N LEU A 107 25.04 3.82 -30.70
CA LEU A 107 25.26 2.41 -31.01
C LEU A 107 24.94 2.09 -32.47
N TYR A 108 25.70 1.19 -33.10
CA TYR A 108 25.46 0.77 -34.48
C TYR A 108 26.04 -0.63 -34.69
N ILE A 109 25.64 -1.32 -35.80
CA ILE A 109 26.11 -2.65 -36.18
C ILE A 109 26.62 -2.67 -37.65
N SER A 110 27.88 -3.07 -37.88
CA SER A 110 28.44 -3.08 -39.24
C SER A 110 28.25 -4.42 -40.01
N ASP A 111 28.37 -4.39 -41.37
CA ASP A 111 28.27 -5.55 -42.27
C ASP A 111 29.26 -6.62 -41.87
N SER A 112 30.41 -6.19 -41.30
CA SER A 112 31.50 -7.02 -40.77
C SER A 112 30.93 -8.03 -39.77
N ASP A 113 29.87 -7.63 -39.04
CA ASP A 113 29.17 -8.53 -38.15
C ASP A 113 28.28 -9.49 -38.96
N LYS A 114 28.55 -10.80 -38.89
CA LYS A 114 27.80 -11.78 -39.66
C LYS A 114 26.57 -12.37 -38.96
N ARG A 115 26.41 -12.07 -37.64
CA ARG A 115 25.30 -12.53 -36.79
C ARG A 115 23.97 -12.10 -37.36
N LYS A 116 23.01 -13.04 -37.45
CA LYS A 116 21.66 -12.75 -37.95
C LYS A 116 20.82 -12.03 -36.84
N HIS A 117 21.11 -12.40 -35.56
CA HIS A 117 20.50 -11.84 -34.35
CA HIS A 117 20.51 -11.86 -34.34
C HIS A 117 21.63 -11.47 -33.37
N PHE A 118 21.32 -10.66 -32.34
CA PHE A 118 22.27 -10.23 -31.31
C PHE A 118 21.53 -9.65 -30.04
N MET A 119 22.28 -9.44 -28.95
CA MET A 119 21.76 -8.87 -27.71
C MET A 119 22.67 -7.75 -27.23
N LEU A 120 22.10 -6.73 -26.61
CA LEU A 120 22.94 -5.67 -26.06
C LEU A 120 23.46 -6.19 -24.73
N SER A 121 24.65 -5.79 -24.38
CA SER A 121 25.17 -6.21 -23.10
C SER A 121 25.45 -4.98 -22.26
N VAL A 122 25.01 -5.01 -21.00
CA VAL A 122 25.22 -3.91 -20.09
C VAL A 122 26.20 -4.32 -18.99
N LYS A 123 27.44 -3.84 -19.08
CA LYS A 123 28.45 -4.14 -18.07
C LYS A 123 28.25 -3.15 -16.94
N MET A 124 28.04 -3.65 -15.71
CA MET A 124 27.83 -2.81 -14.55
C MET A 124 28.72 -3.07 -13.35
N PHE A 125 29.19 -1.98 -12.74
CA PHE A 125 30.07 -1.99 -11.57
C PHE A 125 29.97 -0.63 -10.89
N TYR A 126 30.39 -0.53 -9.62
CA TYR A 126 30.38 0.73 -8.91
C TYR A 126 31.68 1.48 -9.24
N GLY A 127 31.79 2.71 -8.76
CA GLY A 127 32.95 3.56 -8.95
C GLY A 127 34.21 2.93 -8.44
N ASN A 128 34.13 2.26 -7.26
CA ASN A 128 35.28 1.59 -6.65
C ASN A 128 35.75 0.34 -7.45
N SER A 129 34.91 -0.09 -8.42
CA SER A 129 35.08 -1.22 -9.36
C SER A 129 34.45 -2.55 -8.93
N ASP A 130 33.74 -2.55 -7.77
CA ASP A 130 33.01 -3.71 -7.27
C ASP A 130 31.99 -4.04 -8.34
N ASP A 131 32.01 -5.27 -8.81
CA ASP A 131 31.14 -5.72 -9.89
C ASP A 131 29.69 -5.83 -9.49
N ILE A 132 28.82 -5.63 -10.48
CA ILE A 132 27.38 -5.82 -10.40
C ILE A 132 27.21 -7.02 -11.35
N GLY A 133 27.44 -6.81 -12.64
CA GLY A 133 27.36 -7.89 -13.61
C GLY A 133 27.08 -7.42 -15.02
N VAL A 134 26.79 -8.37 -15.91
CA VAL A 134 26.54 -8.10 -17.32
C VAL A 134 25.16 -8.52 -17.58
N PHE A 135 24.32 -7.55 -17.98
CA PHE A 135 22.89 -7.69 -18.24
C PHE A 135 22.63 -7.67 -19.72
N LEU A 136 21.88 -8.68 -20.21
CA LEU A 136 21.55 -8.82 -21.63
C LEU A 136 20.19 -8.31 -22.01
N SER A 137 20.11 -7.68 -23.17
CA SER A 137 18.85 -7.20 -23.72
C SER A 137 18.16 -8.44 -24.28
N LYS A 138 16.92 -8.24 -24.75
CA LYS A 138 16.21 -9.28 -25.46
C LYS A 138 16.89 -9.42 -26.87
N ARG A 139 16.56 -10.48 -27.62
CA ARG A 139 17.10 -10.74 -28.96
C ARG A 139 16.77 -9.55 -29.90
N ILE A 140 17.77 -9.05 -30.64
CA ILE A 140 17.59 -7.96 -31.62
C ILE A 140 17.92 -8.51 -33.03
N LYS A 141 17.01 -8.33 -34.01
CA LYS A 141 17.17 -8.85 -35.37
C LYS A 141 17.92 -7.85 -36.24
N VAL A 142 19.00 -8.30 -36.90
CA VAL A 142 19.78 -7.44 -37.80
C VAL A 142 19.01 -7.42 -39.11
N ILE A 143 18.86 -6.25 -39.69
CA ILE A 143 18.09 -5.99 -40.89
C ILE A 143 18.95 -5.23 -41.88
N SER A 144 18.85 -5.59 -43.17
CA SER A 144 19.63 -4.92 -44.23
C SER A 144 19.18 -3.46 -44.32
N LYS A 145 17.84 -3.26 -44.40
CA LYS A 145 17.12 -2.00 -44.48
C LYS A 145 15.65 -2.39 -44.47
N PRO A 146 14.67 -1.46 -44.32
CA PRO A 146 13.27 -1.91 -44.35
C PRO A 146 12.79 -2.26 -45.76
N SER A 147 11.85 -3.22 -45.82
CA SER A 147 11.21 -3.75 -47.03
C SER A 147 10.42 -2.66 -47.82
N LYS A 148 11.01 -2.15 -48.94
CA LYS A 148 10.40 -1.12 -49.81
C LYS A 148 9.04 -1.58 -50.40
N LYS A 149 8.96 -2.87 -50.81
CA LYS A 149 7.74 -3.49 -51.34
C LYS A 149 6.95 -4.26 -50.26
N LYS A 150 5.86 -4.94 -50.66
CA LYS A 150 4.95 -5.69 -49.78
C LYS A 150 5.61 -6.77 -48.93
N GLN A 151 5.06 -6.95 -47.72
CA GLN A 151 5.54 -7.88 -46.69
C GLN A 151 4.63 -9.13 -46.57
N SER A 152 5.22 -10.24 -46.12
CA SER A 152 4.49 -11.50 -45.92
C SER A 152 4.56 -11.94 -44.48
N LEU A 153 3.52 -12.65 -44.03
CA LEU A 153 3.40 -13.16 -42.66
C LEU A 153 4.37 -14.32 -42.41
N LYS A 154 4.94 -14.91 -43.50
CA LYS A 154 5.93 -15.99 -43.50
C LYS A 154 7.13 -15.59 -42.60
N ASN A 155 7.65 -14.35 -42.79
CA ASN A 155 8.74 -13.76 -41.99
C ASN A 155 8.12 -12.75 -41.00
N ALA A 156 7.27 -13.27 -40.08
CA ALA A 156 6.52 -12.57 -39.03
C ALA A 156 7.42 -11.86 -38.00
N ASP A 157 8.74 -12.12 -38.09
CA ASP A 157 9.82 -11.55 -37.29
C ASP A 157 9.90 -10.03 -37.59
N LEU A 158 9.35 -9.62 -38.74
CA LEU A 158 9.28 -8.25 -39.22
C LEU A 158 7.85 -7.71 -39.18
N CYS A 159 6.87 -8.52 -38.77
CA CYS A 159 5.48 -8.05 -38.72
C CYS A 159 5.14 -7.52 -37.34
N ILE A 160 4.01 -6.78 -37.22
CA ILE A 160 3.61 -6.20 -35.92
C ILE A 160 2.37 -6.87 -35.35
N ALA A 161 2.54 -7.64 -34.26
CA ALA A 161 1.41 -8.35 -33.63
C ALA A 161 0.64 -7.42 -32.70
N SER A 162 -0.69 -7.39 -32.86
CA SER A 162 -1.62 -6.67 -31.99
C SER A 162 -1.31 -7.01 -30.51
N GLY A 163 -1.21 -6.00 -29.66
CA GLY A 163 -0.97 -6.21 -28.23
C GLY A 163 0.48 -6.13 -27.80
N THR A 164 1.37 -6.01 -28.78
CA THR A 164 2.80 -5.84 -28.57
C THR A 164 3.05 -4.36 -28.60
N LYS A 165 4.27 -3.96 -28.24
CA LYS A 165 4.66 -2.57 -28.12
C LYS A 165 5.52 -2.02 -29.27
N VAL A 166 5.32 -0.73 -29.58
CA VAL A 166 6.01 -0.01 -30.65
C VAL A 166 6.51 1.35 -30.18
N ALA A 167 7.49 1.88 -30.91
CA ALA A 167 8.04 3.23 -30.77
C ALA A 167 7.70 3.87 -32.11
N LEU A 168 7.46 5.19 -32.12
CA LEU A 168 7.08 5.96 -33.30
C LEU A 168 7.86 7.22 -33.27
N PHE A 169 8.69 7.43 -34.30
CA PHE A 169 9.52 8.61 -34.39
C PHE A 169 9.42 9.35 -35.71
N ASN A 170 9.82 10.65 -35.72
CA ASN A 170 9.80 11.52 -36.90
C ASN A 170 11.14 12.21 -37.05
N ARG A 171 11.58 12.35 -38.30
CA ARG A 171 12.88 12.87 -38.70
C ARG A 171 12.65 13.79 -39.89
N LEU A 172 13.23 14.99 -39.86
CA LEU A 172 13.09 15.94 -40.96
C LEU A 172 14.38 16.14 -41.73
N ARG A 173 14.25 16.15 -43.08
CA ARG A 173 15.32 16.40 -44.05
C ARG A 173 16.56 15.49 -43.91
N SER A 174 16.35 14.17 -43.64
CA SER A 174 17.41 13.16 -43.46
C SER A 174 18.40 13.53 -42.33
N GLN A 175 17.92 14.24 -41.27
CA GLN A 175 18.78 14.70 -40.17
C GLN A 175 18.54 13.96 -38.87
N THR A 176 19.62 13.42 -38.28
CA THR A 176 19.56 12.73 -36.98
C THR A 176 19.18 13.68 -35.82
N VAL A 177 19.42 14.99 -36.05
CA VAL A 177 19.21 16.13 -35.14
C VAL A 177 17.71 16.36 -34.92
N SER A 178 16.90 16.20 -35.99
CA SER A 178 15.46 16.42 -36.01
C SER A 178 14.62 15.30 -35.39
N THR A 179 15.27 14.18 -35.04
CA THR A 179 14.62 13.01 -34.45
C THR A 179 13.91 13.38 -33.17
N ARG A 180 12.58 13.35 -33.26
CA ARG A 180 11.61 13.55 -32.20
C ARG A 180 10.81 12.24 -32.15
N TYR A 181 10.44 11.77 -30.94
CA TYR A 181 9.72 10.51 -30.66
C TYR A 181 8.40 10.75 -29.97
N LEU A 182 7.36 9.99 -30.36
CA LEU A 182 6.10 10.04 -29.63
C LEU A 182 6.39 9.59 -28.17
N HIS A 183 5.79 10.32 -27.21
CA HIS A 183 6.03 10.14 -25.79
C HIS A 183 5.01 10.95 -24.99
N VAL A 184 4.61 10.41 -23.83
CA VAL A 184 3.69 11.04 -22.89
C VAL A 184 4.46 11.44 -21.64
N GLU A 185 4.38 12.71 -21.28
CA GLU A 185 4.90 13.22 -20.02
C GLU A 185 4.09 14.43 -19.63
N GLY A 186 3.99 14.67 -18.32
CA GLY A 186 3.21 15.78 -17.76
C GLY A 186 1.74 15.79 -18.14
N GLY A 187 1.18 14.60 -18.31
CA GLY A 187 -0.22 14.38 -18.66
C GLY A 187 -0.53 14.53 -20.14
N ASN A 188 0.49 14.75 -20.99
CA ASN A 188 0.27 14.97 -22.42
C ASN A 188 1.15 14.17 -23.33
N PHE A 189 0.68 13.97 -24.55
CA PHE A 189 1.41 13.35 -25.63
C PHE A 189 2.22 14.48 -26.25
N HIS A 190 3.53 14.29 -26.36
CA HIS A 190 4.40 15.27 -26.98
C HIS A 190 5.41 14.54 -27.85
N ALA A 191 6.27 15.26 -28.61
CA ALA A 191 7.27 14.65 -29.47
C ALA A 191 8.63 15.05 -28.92
N SER A 192 9.24 14.14 -28.15
CA SER A 192 10.48 14.39 -27.46
C SER A 192 11.67 14.09 -28.33
N SER A 193 12.71 14.88 -28.20
CA SER A 193 13.94 14.66 -28.91
C SER A 193 14.91 13.86 -28.01
N GLN A 194 14.50 13.65 -26.74
CA GLN A 194 15.34 13.06 -25.72
C GLN A 194 14.81 11.83 -25.03
N GLN A 195 13.49 11.64 -25.04
CA GLN A 195 12.83 10.46 -24.47
C GLN A 195 11.94 9.78 -25.52
N TRP A 196 11.54 8.53 -25.26
CA TRP A 196 10.67 7.77 -26.17
C TRP A 196 9.79 6.82 -25.41
N GLY A 197 8.56 6.71 -25.87
CA GLY A 197 7.55 5.86 -25.27
C GLY A 197 7.41 4.57 -26.04
N ALA A 198 6.84 3.56 -25.36
CA ALA A 198 6.55 2.27 -25.94
C ALA A 198 5.04 2.15 -25.87
N PHE A 199 4.42 2.09 -27.04
CA PHE A 199 3.00 2.06 -27.10
C PHE A 199 2.53 0.69 -27.52
N TYR A 200 1.56 0.16 -26.80
CA TYR A 200 0.92 -1.07 -27.22
C TYR A 200 0.14 -0.67 -28.46
N ILE A 201 0.20 -1.48 -29.48
CA ILE A 201 -0.59 -1.24 -30.67
C ILE A 201 -1.64 -2.36 -30.66
N HIS A 202 -2.92 -1.97 -30.44
CA HIS A 202 -4.05 -2.90 -30.35
C HIS A 202 -4.89 -2.81 -31.57
N LEU A 203 -5.29 -3.95 -32.10
CA LEU A 203 -6.16 -3.98 -33.27
C LEU A 203 -7.60 -4.04 -32.79
N LEU A 204 -8.46 -3.18 -33.35
CA LEU A 204 -9.89 -3.16 -33.04
C LEU A 204 -10.65 -3.53 -34.30
N ASP A 205 -11.83 -4.15 -34.20
CA ASP A 205 -12.56 -4.37 -35.45
C ASP A 205 -13.08 -3.05 -36.00
N ASP A 206 -13.30 -2.99 -37.33
CA ASP A 206 -13.74 -1.75 -38.00
C ASP A 206 -15.01 -1.16 -37.36
N ASP A 207 -15.93 -2.04 -36.94
CA ASP A 207 -17.19 -1.66 -36.33
C ASP A 207 -17.06 -1.00 -34.96
N GLU A 208 -15.89 -1.14 -34.31
CA GLU A 208 -15.65 -0.58 -32.98
C GLU A 208 -15.68 0.93 -32.80
N SER A 209 -16.58 1.33 -31.89
CA SER A 209 -16.88 2.66 -31.37
C SER A 209 -15.72 3.24 -30.58
N GLU A 210 -15.70 4.59 -30.48
CA GLU A 210 -14.73 5.37 -29.71
C GLU A 210 -15.08 5.30 -28.23
N GLY A 211 -14.09 5.60 -27.39
CA GLY A 211 -14.29 5.60 -25.94
C GLY A 211 -13.15 4.96 -25.22
N GLU A 212 -13.07 5.20 -23.90
CA GLU A 212 -12.05 4.74 -22.95
C GLU A 212 -11.89 3.21 -22.86
N GLU A 213 -13.00 2.46 -23.04
CA GLU A 213 -13.01 1.00 -23.00
C GLU A 213 -13.13 0.47 -24.39
N PHE A 214 -12.36 -0.58 -24.72
CA PHE A 214 -12.43 -1.21 -26.03
C PHE A 214 -12.03 -2.66 -26.02
N THR A 215 -12.47 -3.36 -27.07
CA THR A 215 -12.19 -4.76 -27.27
C THR A 215 -11.04 -4.85 -28.24
N VAL A 216 -10.01 -5.58 -27.84
CA VAL A 216 -8.82 -5.78 -28.65
C VAL A 216 -8.98 -7.09 -29.39
N ARG A 217 -8.41 -7.15 -30.59
CA ARG A 217 -8.49 -8.33 -31.42
C ARG A 217 -7.09 -8.82 -31.70
N ASP A 218 -6.93 -10.13 -31.89
CA ASP A 218 -5.65 -10.79 -32.19
C ASP A 218 -5.28 -10.73 -33.68
N GLY A 219 -4.00 -11.00 -33.95
CA GLY A 219 -3.47 -10.99 -35.31
C GLY A 219 -2.47 -9.91 -35.63
N TYR A 220 -1.96 -9.96 -36.85
CA TYR A 220 -0.97 -9.03 -37.34
C TYR A 220 -1.61 -7.74 -37.85
N ILE A 221 -0.96 -6.59 -37.55
CA ILE A 221 -1.41 -5.26 -37.97
C ILE A 221 -1.11 -5.06 -39.46
N HIS A 222 -2.17 -4.60 -40.20
CA HIS A 222 -2.24 -4.28 -41.62
C HIS A 222 -2.59 -2.84 -41.85
N TYR A 223 -2.09 -2.26 -42.93
CA TYR A 223 -2.44 -0.89 -43.26
C TYR A 223 -3.96 -0.86 -43.54
N GLY A 224 -4.63 0.15 -43.00
CA GLY A 224 -6.07 0.30 -43.16
C GLY A 224 -6.83 -0.23 -41.97
N GLN A 225 -6.15 -0.92 -41.06
CA GLN A 225 -6.84 -1.47 -39.92
C GLN A 225 -7.03 -0.43 -38.83
N THR A 226 -8.10 -0.56 -38.01
CA THR A 226 -8.24 0.38 -36.89
C THR A 226 -7.38 -0.11 -35.73
N VAL A 227 -6.46 0.75 -35.28
CA VAL A 227 -5.56 0.50 -34.17
C VAL A 227 -5.86 1.43 -33.02
N LYS A 228 -5.27 1.10 -31.87
CA LYS A 228 -5.31 1.88 -30.64
C LYS A 228 -3.92 1.85 -30.06
N LEU A 229 -3.36 3.04 -29.77
CA LEU A 229 -2.00 3.17 -29.25
C LEU A 229 -2.10 3.55 -27.78
N VAL A 230 -1.66 2.66 -26.89
CA VAL A 230 -1.69 2.91 -25.44
C VAL A 230 -0.30 2.94 -24.88
N CYS A 231 0.12 4.06 -24.23
CA CYS A 231 1.44 4.17 -23.57
C CYS A 231 1.56 3.12 -22.46
N SER A 232 2.62 2.31 -22.52
CA SER A 232 2.86 1.22 -21.58
C SER A 232 3.29 1.65 -20.15
N VAL A 233 3.38 2.95 -19.86
CA VAL A 233 3.82 3.52 -18.58
C VAL A 233 2.69 4.29 -17.95
N THR A 234 2.23 5.36 -18.65
CA THR A 234 1.18 6.26 -18.22
C THR A 234 -0.19 5.62 -18.31
N GLY A 235 -0.40 4.78 -19.31
CA GLY A 235 -1.71 4.14 -19.52
C GLY A 235 -2.68 4.96 -20.35
N MET A 236 -2.19 6.01 -21.02
CA MET A 236 -2.98 6.89 -21.86
C MET A 236 -2.97 6.47 -23.33
N ALA A 237 -4.10 6.67 -23.98
CA ALA A 237 -4.25 6.35 -25.39
C ALA A 237 -4.57 7.60 -26.20
N LEU A 238 -4.40 7.50 -27.52
CA LEU A 238 -4.80 8.52 -28.47
C LEU A 238 -6.18 8.06 -28.98
N PRO A 239 -7.01 8.91 -29.62
CA PRO A 239 -8.29 8.43 -30.17
C PRO A 239 -8.07 7.36 -31.25
N ARG A 240 -9.15 6.68 -31.72
CA ARG A 240 -8.92 5.62 -32.70
C ARG A 240 -8.22 6.10 -33.96
N LEU A 241 -7.24 5.34 -34.38
CA LEU A 241 -6.49 5.70 -35.55
C LEU A 241 -6.58 4.59 -36.58
N ILE A 242 -6.33 4.92 -37.84
CA ILE A 242 -6.22 3.98 -38.95
C ILE A 242 -4.76 4.12 -39.38
N ILE A 243 -4.04 3.02 -39.32
CA ILE A 243 -2.65 3.05 -39.74
C ILE A 243 -2.62 2.96 -41.27
N ARG A 244 -1.86 3.90 -41.90
CA ARG A 244 -1.78 4.05 -43.35
C ARG A 244 -0.35 4.16 -43.86
N LYS A 245 -0.08 3.57 -45.05
CA LYS A 245 1.24 3.55 -45.71
C LYS A 245 1.56 4.91 -46.27
N VAL A 246 2.84 5.26 -46.27
CA VAL A 246 3.34 6.52 -46.75
C VAL A 246 4.28 6.23 -47.93
N ASP A 247 3.96 6.77 -49.13
CA ASP A 247 4.77 6.58 -50.34
C ASP A 247 5.94 7.57 -50.31
N LYS A 248 5.65 8.86 -50.04
CA LYS A 248 6.66 9.91 -49.91
C LYS A 248 6.11 11.00 -48.99
N GLN A 249 5.29 11.91 -49.54
CA GLN A 249 4.61 12.98 -48.82
C GLN A 249 3.10 12.72 -48.93
N THR A 250 2.75 11.47 -49.23
CA THR A 250 1.39 10.95 -49.45
C THR A 250 1.07 9.89 -48.44
N ALA A 251 -0.24 9.57 -48.31
CA ALA A 251 -0.76 8.52 -47.45
C ALA A 251 -1.70 7.70 -48.33
N LEU A 252 -1.34 6.43 -48.55
CA LEU A 252 -2.08 5.49 -49.39
C LEU A 252 -3.22 4.83 -48.63
N LEU A 253 -4.47 5.05 -49.10
CA LEU A 253 -5.69 4.57 -48.46
C LEU A 253 -6.05 3.12 -48.82
N ASP A 254 -5.98 2.78 -50.11
CA ASP A 254 -6.29 1.44 -50.65
C ASP A 254 -5.31 0.32 -50.21
N ALA A 255 -4.17 0.66 -49.56
CA ALA A 255 -3.18 -0.33 -49.09
C ALA A 255 -3.72 -1.14 -47.90
N ASP A 256 -3.43 -2.44 -47.90
CA ASP A 256 -3.88 -3.39 -46.87
C ASP A 256 -2.81 -4.45 -46.59
N ASP A 257 -1.57 -4.12 -46.92
CA ASP A 257 -0.40 -4.98 -46.74
C ASP A 257 -0.04 -5.06 -45.26
N PRO A 258 0.68 -6.10 -44.78
CA PRO A 258 1.03 -6.14 -43.36
C PRO A 258 2.10 -5.09 -43.06
N VAL A 259 1.85 -4.29 -41.99
CA VAL A 259 2.72 -3.24 -41.47
C VAL A 259 4.03 -3.88 -40.99
N SER A 260 5.18 -3.41 -41.51
CA SER A 260 6.46 -3.95 -41.11
C SER A 260 7.40 -2.98 -40.39
N GLN A 261 8.42 -3.54 -39.76
CA GLN A 261 9.49 -2.87 -39.03
C GLN A 261 10.17 -1.79 -39.87
N LEU A 262 10.33 -0.60 -39.28
CA LEU A 262 10.96 0.57 -39.85
C LEU A 262 10.25 1.18 -41.04
N HIS A 263 9.00 0.82 -41.26
CA HIS A 263 8.22 1.41 -42.32
C HIS A 263 7.72 2.78 -41.86
N LYS A 264 7.45 3.68 -42.81
CA LYS A 264 6.86 4.99 -42.53
C LYS A 264 5.33 4.81 -42.56
N CYS A 265 4.66 5.39 -41.54
CA CYS A 265 3.22 5.32 -41.28
C CYS A 265 2.58 6.65 -41.22
N ALA A 266 1.24 6.64 -41.30
CA ALA A 266 0.40 7.81 -41.13
C ALA A 266 -0.74 7.40 -40.23
N PHE A 267 -1.07 8.26 -39.26
CA PHE A 267 -2.15 7.98 -38.34
C PHE A 267 -3.41 8.84 -38.55
N TYR A 268 -4.31 8.36 -39.43
CA TYR A 268 -5.53 9.09 -39.68
C TYR A 268 -6.48 8.90 -38.49
N LEU A 269 -6.89 10.03 -37.86
CA LEU A 269 -7.81 10.07 -36.73
C LEU A 269 -9.14 9.63 -37.26
N LYS A 270 -9.56 8.40 -36.89
CA LYS A 270 -10.82 7.82 -37.37
C LYS A 270 -11.99 8.80 -37.20
N ASP A 271 -12.82 8.95 -38.24
CA ASP A 271 -14.03 9.81 -38.23
C ASP A 271 -13.72 11.32 -38.14
N THR A 272 -12.83 11.83 -39.00
CA THR A 272 -12.42 13.24 -39.08
C THR A 272 -12.23 13.60 -40.55
N GLU A 273 -12.27 14.91 -40.89
CA GLU A 273 -12.07 15.34 -42.29
C GLU A 273 -10.60 15.29 -42.63
N ARG A 274 -10.07 14.08 -42.90
CA ARG A 274 -8.68 13.81 -43.28
C ARG A 274 -7.65 14.34 -42.28
N MET A 275 -7.93 14.23 -40.98
CA MET A 275 -7.02 14.68 -39.92
C MET A 275 -6.05 13.60 -39.52
N TYR A 276 -4.76 13.96 -39.45
CA TYR A 276 -3.69 13.03 -39.11
C TYR A 276 -2.92 13.49 -37.89
N LEU A 277 -2.37 12.51 -37.15
CA LEU A 277 -1.52 12.70 -35.98
C LEU A 277 -0.19 13.27 -36.49
N CYS A 278 0.02 14.57 -36.20
CA CYS A 278 1.12 15.37 -36.69
C CYS A 278 1.88 16.01 -35.58
N LEU A 279 3.11 16.37 -35.90
CA LEU A 279 4.11 17.00 -35.07
C LEU A 279 4.33 18.45 -35.52
N SER A 280 4.48 19.36 -34.56
CA SER A 280 4.87 20.75 -34.78
C SER A 280 5.77 21.08 -33.59
N GLN A 281 7.10 20.96 -33.82
CA GLN A 281 8.15 21.13 -32.81
C GLN A 281 8.01 20.02 -31.74
N GLU A 282 7.66 20.37 -30.50
CA GLU A 282 7.49 19.36 -29.45
C GLU A 282 6.02 18.94 -29.33
N ARG A 283 5.11 19.69 -29.99
CA ARG A 283 3.66 19.49 -29.93
C ARG A 283 3.10 18.38 -30.83
N ILE A 284 2.10 17.63 -30.31
CA ILE A 284 1.37 16.64 -31.09
C ILE A 284 0.01 17.28 -31.42
N ILE A 285 -0.22 17.54 -32.73
CA ILE A 285 -1.44 18.18 -33.24
C ILE A 285 -2.22 17.30 -34.20
N GLN A 286 -3.24 17.89 -34.82
CA GLN A 286 -4.14 17.28 -35.77
C GLN A 286 -4.01 18.06 -37.11
N PHE A 287 -3.32 17.48 -38.10
CA PHE A 287 -3.14 18.19 -39.37
C PHE A 287 -3.96 17.58 -40.50
N GLN A 288 -4.70 18.44 -41.23
CA GLN A 288 -5.56 18.04 -42.34
C GLN A 288 -4.78 17.83 -43.64
N ALA A 289 -4.98 16.66 -44.26
CA ALA A 289 -4.35 16.28 -45.52
C ALA A 289 -5.11 16.86 -46.70
N THR A 290 -4.39 17.16 -47.78
CA THR A 290 -4.97 17.65 -49.02
C THR A 290 -5.13 16.42 -49.93
N PRO A 291 -6.34 16.08 -50.42
CA PRO A 291 -6.46 14.88 -51.26
C PRO A 291 -5.90 15.08 -52.66
N CYS A 292 -5.33 14.01 -53.24
CA CYS A 292 -4.75 14.05 -54.58
C CYS A 292 -5.79 14.32 -55.67
N PRO A 293 -5.51 15.27 -56.59
CA PRO A 293 -6.52 15.64 -57.61
C PRO A 293 -6.93 14.51 -58.56
N LYS A 294 -5.96 13.72 -59.03
CA LYS A 294 -6.20 12.60 -59.95
C LYS A 294 -6.41 11.24 -59.26
N GLU A 295 -6.12 11.13 -57.94
CA GLU A 295 -6.27 9.86 -57.20
C GLU A 295 -7.15 9.99 -55.94
N GLN A 296 -8.21 9.17 -55.87
CA GLN A 296 -9.13 9.09 -54.73
C GLN A 296 -8.51 8.30 -53.54
N ASN A 297 -7.44 7.51 -53.81
CA ASN A 297 -6.76 6.63 -52.84
C ASN A 297 -5.46 7.20 -52.25
N LYS A 298 -5.15 8.47 -52.55
CA LYS A 298 -3.96 9.18 -52.08
C LYS A 298 -4.30 10.56 -51.52
N GLU A 299 -3.66 10.92 -50.39
CA GLU A 299 -3.81 12.21 -49.71
C GLU A 299 -2.42 12.76 -49.38
N MET A 300 -2.11 14.02 -49.76
CA MET A 300 -0.85 14.68 -49.42
C MET A 300 -0.85 15.04 -47.93
N ILE A 301 0.12 14.50 -47.20
CA ILE A 301 0.26 14.72 -45.76
C ILE A 301 1.49 15.58 -45.40
N ASN A 302 1.42 16.30 -44.26
CA ASN A 302 2.50 17.13 -43.72
C ASN A 302 3.74 16.25 -43.43
N ASP A 303 4.91 16.86 -43.41
CA ASP A 303 6.19 16.19 -43.18
C ASP A 303 6.27 15.63 -41.74
N GLY A 304 5.56 16.28 -40.82
CA GLY A 304 5.47 15.84 -39.43
C GLY A 304 4.36 14.84 -39.19
N ALA A 305 3.72 14.35 -40.27
CA ALA A 305 2.63 13.37 -40.23
C ALA A 305 3.11 11.96 -40.63
N SER A 306 4.41 11.85 -41.00
CA SER A 306 5.06 10.58 -41.32
C SER A 306 5.83 10.06 -40.08
N TRP A 307 5.52 8.82 -39.65
CA TRP A 307 6.11 8.20 -38.45
C TRP A 307 6.73 6.86 -38.76
N THR A 308 8.00 6.65 -38.37
CA THR A 308 8.61 5.34 -38.56
C THR A 308 8.14 4.45 -37.40
N ILE A 309 7.66 3.24 -37.72
CA ILE A 309 7.19 2.32 -36.72
C ILE A 309 8.24 1.25 -36.47
N ILE A 310 8.47 0.91 -35.22
CA ILE A 310 9.44 -0.12 -34.86
C ILE A 310 8.99 -0.85 -33.59
N SER A 311 9.09 -2.20 -33.60
CA SER A 311 8.73 -3.01 -32.46
C SER A 311 9.79 -2.89 -31.40
N THR A 312 9.34 -2.73 -30.14
CA THR A 312 10.21 -2.61 -28.98
C THR A 312 10.00 -3.79 -28.02
N ASP A 313 10.98 -4.01 -27.12
CA ASP A 313 10.94 -4.99 -26.06
C ASP A 313 11.64 -4.44 -24.82
N LYS A 314 11.47 -5.11 -23.68
CA LYS A 314 12.06 -4.70 -22.43
C LYS A 314 12.68 -5.89 -21.71
N ALA A 315 13.91 -5.73 -21.15
CA ALA A 315 14.54 -6.77 -20.33
C ALA A 315 14.55 -6.23 -18.88
N GLU A 316 14.16 -7.06 -17.92
CA GLU A 316 14.04 -6.68 -16.52
C GLU A 316 14.72 -7.72 -15.62
N TYR A 317 15.60 -7.22 -14.72
CA TYR A 317 16.41 -8.03 -13.82
C TYR A 317 16.37 -7.42 -12.45
N THR A 318 15.96 -8.21 -11.48
CA THR A 318 15.80 -7.75 -10.12
C THR A 318 16.56 -8.66 -9.21
N PHE A 319 17.42 -8.06 -8.37
CA PHE A 319 18.29 -8.76 -7.43
C PHE A 319 18.45 -8.01 -6.08
N TYR A 320 18.93 -8.74 -5.05
CA TYR A 320 19.12 -8.18 -3.71
C TYR A 320 20.19 -8.98 -2.98
N GLU A 321 21.15 -8.29 -2.34
CA GLU A 321 22.24 -8.95 -1.60
C GLU A 321 21.70 -9.35 -0.22
N GLY A 322 20.93 -10.45 -0.19
CA GLY A 322 20.27 -10.99 0.99
C GLY A 322 21.20 -11.32 2.13
N MET A 323 22.43 -11.72 1.80
CA MET A 323 23.46 -12.11 2.77
C MET A 323 24.67 -11.15 2.70
N GLY A 324 24.41 -9.95 2.21
CA GLY A 324 25.40 -8.90 2.06
C GLY A 324 26.10 -8.99 0.72
N PRO A 325 27.05 -8.04 0.44
CA PRO A 325 27.82 -8.11 -0.82
C PRO A 325 28.46 -9.48 -1.03
N VAL A 326 28.47 -9.92 -2.29
CA VAL A 326 28.94 -11.23 -2.74
C VAL A 326 30.19 -11.15 -3.61
N LEU A 327 30.94 -12.28 -3.71
CA LEU A 327 32.09 -12.36 -4.60
C LEU A 327 31.59 -12.39 -6.06
N ALA A 328 30.82 -13.45 -6.41
CA ALA A 328 30.29 -13.70 -7.74
C ALA A 328 29.32 -12.62 -8.24
N PRO A 329 29.28 -12.26 -9.56
CA PRO A 329 28.27 -11.29 -10.02
C PRO A 329 26.88 -11.85 -9.80
N VAL A 330 25.94 -10.96 -9.81
CA VAL A 330 24.53 -11.22 -9.61
C VAL A 330 23.91 -11.80 -10.86
N THR A 331 24.53 -11.53 -12.00
CA THR A 331 24.10 -11.96 -13.32
C THR A 331 24.67 -13.35 -13.64
N PRO A 332 24.02 -14.19 -14.49
CA PRO A 332 22.74 -14.02 -15.17
C PRO A 332 21.60 -14.09 -14.15
N VAL A 333 20.82 -13.01 -14.10
CA VAL A 333 19.68 -12.93 -13.19
C VAL A 333 18.55 -13.81 -13.73
N PRO A 334 18.08 -14.81 -12.92
CA PRO A 334 16.94 -15.65 -13.37
C PRO A 334 15.67 -14.82 -13.48
N VAL A 335 14.89 -15.09 -14.52
CA VAL A 335 13.62 -14.41 -14.76
C VAL A 335 12.52 -15.48 -14.80
N VAL A 336 11.45 -15.30 -14.02
CA VAL A 336 10.33 -16.26 -14.03
C VAL A 336 9.20 -15.68 -14.86
N GLU A 337 8.83 -16.41 -15.94
CA GLU A 337 7.79 -16.02 -16.86
C GLU A 337 6.38 -16.32 -16.32
N SER A 338 6.19 -17.48 -15.70
CA SER A 338 4.91 -17.95 -15.17
C SER A 338 5.11 -19.10 -14.18
N LEU A 339 4.05 -19.43 -13.41
CA LEU A 339 4.03 -20.56 -12.47
C LEU A 339 2.80 -21.43 -12.75
N GLN A 340 2.96 -22.76 -12.59
CA GLN A 340 1.89 -23.76 -12.79
C GLN A 340 1.97 -24.91 -11.80
N LEU A 341 0.81 -25.48 -11.46
CA LEU A 341 0.71 -26.65 -10.61
C LEU A 341 0.83 -27.90 -11.49
N ASN A 342 1.29 -29.04 -10.91
CA ASN A 342 1.47 -30.31 -11.63
C ASN A 342 0.25 -31.27 -11.88
N GLY A 343 -0.88 -31.17 -11.16
CA GLY A 343 -1.19 -30.25 -10.08
C GLY A 343 -0.71 -30.69 -8.70
N GLY A 344 -1.38 -31.68 -8.11
CA GLY A 344 -2.49 -32.43 -8.72
C GLY A 344 -1.97 -33.69 -9.38
N GLY A 345 -1.10 -34.38 -8.65
CA GLY A 345 -0.44 -35.64 -9.01
C GLY A 345 -0.22 -36.39 -7.71
N ASP A 346 1.03 -36.40 -7.21
CA ASP A 346 1.35 -37.03 -5.93
C ASP A 346 1.16 -35.96 -4.85
N VAL A 347 2.19 -35.10 -4.64
CA VAL A 347 2.16 -33.95 -3.74
C VAL A 347 2.13 -32.71 -4.63
N ALA A 348 1.71 -31.57 -4.06
CA ALA A 348 1.61 -30.31 -4.79
C ALA A 348 2.99 -29.80 -5.20
N MET A 349 3.18 -29.71 -6.53
CA MET A 349 4.41 -29.26 -7.16
C MET A 349 4.11 -27.98 -7.87
N LEU A 350 5.08 -27.06 -7.88
CA LEU A 350 5.00 -25.80 -8.62
C LEU A 350 6.05 -25.87 -9.71
N GLU A 351 5.64 -25.54 -10.95
CA GLU A 351 6.51 -25.47 -12.12
C GLU A 351 6.81 -24.02 -12.48
N LEU A 352 8.10 -23.72 -12.60
CA LEU A 352 8.62 -22.41 -12.94
C LEU A 352 9.16 -22.42 -14.38
N THR A 353 8.63 -21.51 -15.18
CA THR A 353 9.01 -21.29 -16.57
C THR A 353 9.69 -19.93 -16.59
N GLY A 354 10.83 -19.86 -17.22
CA GLY A 354 11.56 -18.62 -17.37
C GLY A 354 12.83 -18.79 -18.16
N GLN A 355 13.91 -18.19 -17.65
CA GLN A 355 15.25 -18.21 -18.21
C GLN A 355 16.28 -17.89 -17.11
N ASN A 356 17.52 -18.37 -17.35
CA ASN A 356 18.72 -18.22 -16.51
C ASN A 356 18.64 -18.96 -15.19
N PHE A 357 17.85 -20.04 -15.15
CA PHE A 357 17.76 -20.93 -13.99
C PHE A 357 19.07 -21.73 -13.94
N THR A 358 19.58 -22.00 -12.72
CA THR A 358 20.81 -22.75 -12.50
C THR A 358 20.62 -23.79 -11.41
N PRO A 359 21.43 -24.89 -11.39
CA PRO A 359 21.28 -25.90 -10.32
C PRO A 359 21.48 -25.33 -8.91
N ASN A 360 22.17 -24.18 -8.79
CA ASN A 360 22.45 -23.56 -7.51
C ASN A 360 21.44 -22.52 -7.01
N LEU A 361 20.17 -22.62 -7.47
CA LEU A 361 19.03 -21.76 -7.07
C LEU A 361 18.00 -22.57 -6.25
N ARG A 362 17.35 -21.92 -5.27
CA ARG A 362 16.32 -22.56 -4.43
C ARG A 362 15.04 -21.74 -4.39
N VAL A 363 13.86 -22.41 -4.49
CA VAL A 363 12.57 -21.71 -4.46
C VAL A 363 12.13 -21.47 -3.02
N TRP A 364 11.61 -20.27 -2.75
CA TRP A 364 11.14 -19.91 -1.41
C TRP A 364 9.75 -19.36 -1.50
N PHE A 365 8.90 -19.80 -0.58
CA PHE A 365 7.53 -19.32 -0.43
C PHE A 365 7.62 -18.50 0.87
N GLY A 366 7.55 -17.19 0.77
CA GLY A 366 7.78 -16.35 1.94
C GLY A 366 9.18 -16.60 2.49
N ASP A 367 9.26 -16.87 3.82
CA ASP A 367 10.50 -17.19 4.55
C ASP A 367 10.70 -18.70 4.67
N VAL A 368 9.98 -19.47 3.84
CA VAL A 368 9.98 -20.93 3.85
C VAL A 368 10.65 -21.45 2.56
N GLU A 369 11.76 -22.16 2.72
CA GLU A 369 12.49 -22.73 1.60
C GLU A 369 11.81 -24.04 1.18
N ALA A 370 11.62 -24.22 -0.14
CA ALA A 370 10.97 -25.39 -0.72
C ALA A 370 11.99 -26.34 -1.34
N GLU A 371 11.71 -27.70 -1.33
CA GLU A 371 12.56 -28.70 -1.98
C GLU A 371 12.54 -28.29 -3.45
N THR A 372 13.72 -27.90 -3.97
CA THR A 372 13.89 -27.39 -5.32
C THR A 372 14.68 -28.32 -6.21
N MET A 373 14.12 -28.58 -7.40
CA MET A 373 14.71 -29.45 -8.39
C MET A 373 14.94 -28.75 -9.73
N TYR A 374 16.21 -28.63 -10.11
CA TYR A 374 16.62 -28.05 -11.38
C TYR A 374 16.31 -29.02 -12.51
N ARG A 375 15.87 -28.50 -13.65
CA ARG A 375 15.56 -29.29 -14.83
C ARG A 375 16.47 -28.84 -15.98
N CYS A 376 16.39 -27.56 -16.37
CA CYS A 376 17.17 -26.89 -17.39
C CYS A 376 17.08 -25.41 -17.07
N GLY A 377 17.82 -24.58 -17.81
CA GLY A 377 17.85 -23.13 -17.61
C GLY A 377 16.52 -22.41 -17.73
N GLU A 378 15.52 -23.05 -18.35
CA GLU A 378 14.21 -22.48 -18.59
C GLU A 378 13.07 -23.22 -17.83
N SER A 379 13.42 -24.18 -16.93
CA SER A 379 12.44 -24.94 -16.14
C SER A 379 12.98 -25.41 -14.80
N MET A 380 12.16 -25.25 -13.76
CA MET A 380 12.43 -25.66 -12.38
C MET A 380 11.15 -26.18 -11.70
N LEU A 381 11.31 -27.17 -10.83
CA LEU A 381 10.19 -27.74 -10.09
C LEU A 381 10.45 -27.63 -8.61
N CYS A 382 9.40 -27.34 -7.84
CA CYS A 382 9.55 -27.30 -6.40
C CYS A 382 8.32 -27.84 -5.66
N VAL A 383 8.50 -28.26 -4.39
CA VAL A 383 7.36 -28.78 -3.62
C VAL A 383 6.75 -27.65 -2.77
N VAL A 384 5.44 -27.41 -2.97
CA VAL A 384 4.65 -26.43 -2.22
C VAL A 384 4.73 -26.85 -0.74
N PRO A 385 5.17 -25.98 0.19
CA PRO A 385 5.22 -26.42 1.60
C PRO A 385 3.81 -26.60 2.21
N ASP A 386 3.73 -27.28 3.36
CA ASP A 386 2.43 -27.45 4.01
C ASP A 386 1.96 -26.08 4.56
N ILE A 387 0.62 -25.86 4.59
CA ILE A 387 0.04 -24.61 5.12
C ILE A 387 0.52 -24.29 6.55
N SER A 388 0.74 -25.36 7.37
CA SER A 388 1.25 -25.30 8.75
C SER A 388 2.63 -24.62 8.85
N ALA A 389 3.36 -24.51 7.70
CA ALA A 389 4.64 -23.83 7.62
C ALA A 389 4.47 -22.30 7.61
N PHE A 390 3.23 -21.81 7.43
CA PHE A 390 2.89 -20.37 7.42
C PHE A 390 1.91 -20.00 8.54
N ARG A 391 1.10 -20.96 8.99
CA ARG A 391 0.11 -20.76 10.03
C ARG A 391 0.17 -21.96 10.98
N GLU A 392 0.69 -21.75 12.21
CA GLU A 392 0.84 -22.76 13.25
C GLU A 392 -0.40 -23.64 13.37
N GLY A 393 -0.18 -24.95 13.44
CA GLY A 393 -1.19 -25.99 13.60
C GLY A 393 -2.37 -26.03 12.64
N TRP A 394 -2.22 -25.49 11.41
CA TRP A 394 -3.32 -25.52 10.43
C TRP A 394 -3.45 -26.91 9.80
N ARG A 395 -4.37 -27.72 10.38
CA ARG A 395 -4.70 -29.09 9.98
C ARG A 395 -5.22 -29.13 8.52
N TRP A 396 -5.60 -27.95 7.99
CA TRP A 396 -6.05 -27.68 6.62
C TRP A 396 -5.91 -26.17 6.36
N VAL A 397 -6.11 -25.73 5.10
CA VAL A 397 -6.07 -24.31 4.77
C VAL A 397 -7.41 -23.71 5.19
N ARG A 398 -7.41 -22.93 6.30
CA ARG A 398 -8.59 -22.29 6.92
C ARG A 398 -9.19 -21.21 6.01
N GLN A 399 -8.39 -20.20 5.68
CA GLN A 399 -8.79 -19.12 4.79
C GLN A 399 -7.60 -18.72 3.93
N PRO A 400 -7.82 -18.27 2.66
CA PRO A 400 -6.67 -17.94 1.79
C PRO A 400 -5.46 -17.19 2.32
N VAL A 401 -4.26 -17.70 1.98
CA VAL A 401 -2.96 -17.15 2.35
C VAL A 401 -2.15 -16.90 1.06
N GLN A 402 -1.74 -15.66 0.84
CA GLN A 402 -0.95 -15.32 -0.35
C GLN A 402 0.50 -15.13 0.06
N VAL A 403 1.42 -15.89 -0.55
CA VAL A 403 2.85 -15.85 -0.19
C VAL A 403 3.77 -15.55 -1.38
N PRO A 404 4.81 -14.71 -1.24
CA PRO A 404 5.68 -14.46 -2.41
C PRO A 404 6.50 -15.67 -2.80
N VAL A 405 6.73 -15.84 -4.11
CA VAL A 405 7.61 -16.86 -4.66
C VAL A 405 8.93 -16.13 -5.00
N THR A 406 10.03 -16.57 -4.40
CA THR A 406 11.34 -15.94 -4.56
C THR A 406 12.34 -16.98 -4.93
N LEU A 407 13.28 -16.66 -5.83
CA LEU A 407 14.38 -17.57 -6.16
C LEU A 407 15.57 -17.06 -5.39
N VAL A 408 16.25 -17.95 -4.67
CA VAL A 408 17.38 -17.55 -3.82
C VAL A 408 18.58 -18.33 -4.30
N ARG A 409 19.79 -17.73 -4.24
CA ARG A 409 21.03 -18.38 -4.67
C ARG A 409 21.82 -18.88 -3.47
N ASN A 410 22.71 -19.85 -3.74
CA ASN A 410 23.53 -20.50 -2.72
C ASN A 410 24.40 -19.50 -1.92
N ASP A 411 24.79 -18.37 -2.56
CA ASP A 411 25.63 -17.33 -1.94
C ASP A 411 24.85 -16.20 -1.23
N GLY A 412 23.51 -16.22 -1.28
CA GLY A 412 22.70 -15.24 -0.57
C GLY A 412 21.85 -14.27 -1.39
N VAL A 413 22.10 -14.17 -2.70
CA VAL A 413 21.38 -13.27 -3.59
C VAL A 413 19.93 -13.73 -3.73
N ILE A 414 19.01 -12.79 -3.52
CA ILE A 414 17.57 -12.95 -3.61
C ILE A 414 17.19 -12.31 -4.92
N TYR A 415 16.38 -13.03 -5.73
CA TYR A 415 15.83 -12.59 -7.00
C TYR A 415 14.31 -12.71 -6.86
N SER A 416 13.62 -11.61 -6.56
CA SER A 416 12.15 -11.65 -6.41
C SER A 416 11.49 -11.84 -7.79
N THR A 417 10.27 -12.40 -7.84
CA THR A 417 9.60 -12.66 -9.12
C THR A 417 8.40 -11.75 -9.41
N SER A 418 7.85 -11.07 -8.38
CA SER A 418 6.61 -10.28 -8.49
C SER A 418 5.39 -11.21 -8.67
N LEU A 419 5.61 -12.51 -8.42
CA LEU A 419 4.63 -13.58 -8.47
C LEU A 419 4.47 -14.13 -7.08
N THR A 420 3.28 -14.62 -6.77
CA THR A 420 2.95 -15.16 -5.47
C THR A 420 2.26 -16.48 -5.65
N PHE A 421 2.15 -17.27 -4.57
CA PHE A 421 1.45 -18.52 -4.48
C PHE A 421 0.35 -18.29 -3.46
N THR A 422 -0.87 -18.68 -3.81
CA THR A 422 -2.03 -18.47 -2.98
C THR A 422 -2.63 -19.81 -2.64
N TYR A 423 -2.73 -20.11 -1.34
CA TYR A 423 -3.36 -21.31 -0.77
C TYR A 423 -4.83 -21.02 -0.63
N THR A 424 -5.71 -21.97 -1.02
CA THR A 424 -7.17 -21.84 -0.92
C THR A 424 -7.80 -23.16 -0.49
N PRO A 425 -8.97 -23.20 0.20
CA PRO A 425 -9.58 -24.49 0.55
C PRO A 425 -10.50 -25.04 -0.56
N SER B 1 -10.02 -10.87 -28.60
CA SER B 1 -9.90 -11.42 -27.26
C SER B 1 -9.30 -10.41 -26.24
N GLY B 2 -10.18 -9.89 -25.37
CA GLY B 2 -9.81 -8.97 -24.31
C GLY B 2 -10.35 -7.56 -24.42
N LEU B 3 -10.57 -6.95 -23.24
CA LEU B 3 -11.02 -5.56 -23.10
C LEU B 3 -9.88 -4.71 -22.50
N VAL B 4 -9.75 -3.43 -22.97
CA VAL B 4 -8.72 -2.48 -22.50
C VAL B 4 -9.37 -1.14 -22.07
N LYS B 5 -9.01 -0.63 -20.90
CA LYS B 5 -9.52 0.66 -20.41
C LYS B 5 -8.34 1.65 -20.39
N ALA B 6 -8.35 2.62 -21.35
CA ALA B 6 -7.29 3.62 -21.50
C ALA B 6 -7.83 4.98 -21.86
N PRO B 7 -7.78 5.96 -20.92
CA PRO B 7 -8.26 7.32 -21.24
C PRO B 7 -7.60 7.94 -22.48
N VAL B 8 -8.43 8.57 -23.33
CA VAL B 8 -8.08 9.17 -24.63
C VAL B 8 -7.61 10.61 -24.54
N TRP B 9 -6.36 10.87 -24.96
CA TRP B 9 -5.76 12.20 -25.05
C TRP B 9 -6.06 12.75 -26.46
N TRP B 10 -6.97 13.73 -26.54
CA TRP B 10 -7.35 14.33 -27.81
C TRP B 10 -6.32 15.29 -28.36
N PRO B 11 -5.71 15.00 -29.54
CA PRO B 11 -4.78 15.97 -30.14
C PRO B 11 -5.62 17.11 -30.70
N MET B 12 -5.17 18.35 -30.54
CA MET B 12 -5.97 19.49 -31.00
C MET B 12 -5.57 20.05 -32.35
N LYS B 13 -6.45 20.89 -32.92
CA LYS B 13 -6.20 21.62 -34.18
C LYS B 13 -5.36 22.88 -33.84
N ASP B 14 -5.43 23.92 -34.68
CA ASP B 14 -4.73 25.21 -34.48
C ASP B 14 -5.58 26.38 -34.92
N ASN B 15 -5.42 27.55 -34.25
CA ASN B 15 -6.12 28.84 -34.50
C ASN B 15 -7.56 28.89 -33.96
N PRO C 6 -25.01 -5.93 54.76
CA PRO C 6 -23.97 -5.00 55.21
C PRO C 6 -22.75 -4.99 54.30
N PRO C 7 -22.00 -3.85 54.18
CA PRO C 7 -20.81 -3.84 53.32
C PRO C 7 -19.55 -4.36 54.02
N LYS C 8 -18.63 -4.94 53.24
CA LYS C 8 -17.36 -5.49 53.71
C LYS C 8 -16.19 -4.66 53.18
N ARG C 9 -15.41 -4.07 54.11
CA ARG C 9 -14.23 -3.28 53.76
C ARG C 9 -13.08 -4.24 53.41
N LEU C 10 -12.34 -3.91 52.33
CA LEU C 10 -11.23 -4.73 51.86
C LEU C 10 -10.08 -4.95 52.88
N THR C 11 -9.67 -6.23 53.05
CA THR C 11 -8.62 -6.71 53.96
C THR C 11 -7.30 -6.87 53.21
N ARG C 12 -6.14 -6.72 53.89
CA ARG C 12 -4.82 -6.87 53.26
C ARG C 12 -4.71 -8.18 52.45
N GLU C 13 -5.06 -9.34 53.08
CA GLU C 13 -5.04 -10.66 52.42
C GLU C 13 -5.90 -10.72 51.14
N ALA C 14 -7.12 -10.12 51.17
CA ALA C 14 -8.02 -10.07 50.01
C ALA C 14 -7.35 -9.32 48.85
N MET C 15 -6.61 -8.22 49.19
CA MET C 15 -5.84 -7.40 48.25
C MET C 15 -4.66 -8.22 47.71
N ARG C 16 -3.90 -8.90 48.63
CA ARG C 16 -2.77 -9.78 48.29
C ARG C 16 -3.26 -10.85 47.29
N ASN C 17 -4.44 -11.47 47.58
CA ASN C 17 -5.05 -12.48 46.73
C ASN C 17 -5.65 -11.90 45.44
N TYR C 18 -5.90 -10.57 45.39
CA TYR C 18 -6.36 -9.96 44.15
C TYR C 18 -5.17 -9.78 43.21
N LEU C 19 -4.13 -9.06 43.66
CA LEU C 19 -2.87 -8.77 42.95
C LEU C 19 -2.22 -10.05 42.40
N LYS C 20 -2.40 -11.19 43.13
CA LYS C 20 -1.88 -12.54 42.87
C LYS C 20 -2.20 -13.02 41.45
N GLU C 21 -3.52 -13.20 41.14
CA GLU C 21 -3.97 -13.69 39.83
C GLU C 21 -4.84 -12.69 39.06
N ARG C 22 -5.08 -11.48 39.63
CA ARG C 22 -5.95 -10.40 39.08
C ARG C 22 -7.41 -10.90 38.78
N GLY C 23 -7.84 -10.81 37.52
CA GLY C 23 -9.16 -11.30 37.14
C GLY C 23 -10.20 -10.22 37.18
N ASP C 24 -9.83 -9.03 36.68
CA ASP C 24 -10.67 -7.85 36.60
C ASP C 24 -11.84 -7.99 35.61
N GLN C 25 -12.82 -7.08 35.72
CA GLN C 25 -13.94 -6.93 34.81
C GLN C 25 -13.76 -5.55 34.15
N THR C 26 -13.39 -5.56 32.87
CA THR C 26 -13.20 -4.34 32.10
C THR C 26 -14.43 -4.13 31.14
N VAL C 27 -14.79 -2.85 30.94
CA VAL C 27 -15.81 -2.41 30.01
C VAL C 27 -15.14 -1.42 29.08
N LEU C 28 -15.15 -1.74 27.79
CA LEU C 28 -14.62 -0.87 26.74
C LEU C 28 -15.75 -0.28 25.93
N ILE C 29 -15.58 1.00 25.56
CA ILE C 29 -16.51 1.67 24.68
C ILE C 29 -15.69 2.29 23.57
N LEU C 30 -15.72 1.65 22.42
CA LEU C 30 -14.98 2.09 21.24
C LEU C 30 -15.94 2.86 20.33
N HIS C 31 -15.60 4.11 20.00
CA HIS C 31 -16.47 4.99 19.22
C HIS C 31 -15.66 6.03 18.47
N ALA C 32 -16.32 6.82 17.61
CA ALA C 32 -15.76 7.93 16.86
C ALA C 32 -15.86 9.17 17.72
N LYS C 33 -14.97 10.16 17.49
CA LYS C 33 -14.85 11.42 18.26
C LYS C 33 -15.89 12.45 17.84
N VAL C 34 -16.56 12.21 16.68
CA VAL C 34 -17.56 13.08 16.07
C VAL C 34 -18.77 12.29 15.55
N ALA C 35 -19.94 12.95 15.42
CA ALA C 35 -21.17 12.35 14.89
C ALA C 35 -21.95 13.39 14.12
N GLN C 36 -22.50 12.99 12.97
CA GLN C 36 -23.31 13.88 12.12
C GLN C 36 -24.73 13.79 12.50
N LYS C 37 -25.36 14.98 12.69
CA LYS C 37 -26.79 15.10 13.03
C LYS C 37 -27.75 14.74 11.92
N SER C 38 -28.93 14.28 12.33
CA SER C 38 -30.08 13.89 11.50
C SER C 38 -31.11 15.04 11.56
N TYR C 39 -31.71 15.39 10.42
CA TYR C 39 -32.70 16.45 10.33
C TYR C 39 -34.03 15.88 9.86
N GLY C 40 -35.12 16.32 10.47
CA GLY C 40 -36.46 15.87 10.13
C GLY C 40 -36.68 14.45 10.57
N ASN C 41 -37.24 13.61 9.68
CA ASN C 41 -37.53 12.21 10.01
C ASN C 41 -36.40 11.22 9.79
N GLU C 42 -35.32 11.67 9.12
CA GLU C 42 -34.15 10.87 8.78
C GLU C 42 -33.38 10.39 10.01
N LYS C 43 -32.67 9.24 9.84
CA LYS C 43 -31.84 8.60 10.85
C LYS C 43 -30.43 8.41 10.29
N ARG C 44 -29.53 9.39 10.48
CA ARG C 44 -28.14 9.23 10.03
C ARG C 44 -27.33 8.47 11.09
N PHE C 45 -27.23 7.15 10.88
CA PHE C 45 -26.57 6.23 11.79
C PHE C 45 -25.12 6.49 11.94
N PHE C 46 -24.60 6.24 13.18
CA PHE C 46 -23.19 6.40 13.50
C PHE C 46 -22.42 5.26 12.86
N CYS C 47 -21.51 5.60 11.93
CA CYS C 47 -20.57 4.72 11.25
C CYS C 47 -19.23 5.34 11.58
N PRO C 48 -18.29 4.63 12.24
CA PRO C 48 -18.38 3.22 12.66
C PRO C 48 -19.42 3.07 13.77
N PRO C 49 -20.08 1.89 13.87
CA PRO C 49 -21.05 1.69 14.95
C PRO C 49 -20.31 1.61 16.30
N PRO C 50 -20.68 2.43 17.32
CA PRO C 50 -19.97 2.36 18.60
C PRO C 50 -19.96 0.94 19.10
N CYS C 51 -18.87 0.56 19.77
CA CYS C 51 -18.73 -0.80 20.27
C CYS C 51 -18.54 -0.95 21.75
N VAL C 52 -19.17 -1.96 22.34
CA VAL C 52 -19.03 -2.28 23.75
C VAL C 52 -18.37 -3.64 23.87
N TYR C 53 -17.18 -3.66 24.48
CA TYR C 53 -16.40 -4.87 24.75
C TYR C 53 -16.38 -5.15 26.24
N LEU C 54 -16.49 -6.42 26.60
CA LEU C 54 -16.38 -6.88 27.97
C LEU C 54 -15.06 -7.64 28.05
N MET C 55 -14.04 -6.99 28.62
CA MET C 55 -12.69 -7.53 28.71
C MET C 55 -12.32 -8.05 30.08
N GLY C 56 -11.38 -8.98 30.11
CA GLY C 56 -10.86 -9.50 31.35
C GLY C 56 -11.46 -10.82 31.77
N SER C 57 -10.69 -11.58 32.57
CA SER C 57 -11.06 -12.90 33.07
C SER C 57 -12.18 -12.86 34.10
N GLY C 58 -12.45 -11.65 34.64
CA GLY C 58 -13.47 -11.37 35.65
C GLY C 58 -14.89 -11.71 35.26
N TRP C 59 -15.18 -11.61 33.95
CA TRP C 59 -16.49 -11.94 33.37
C TRP C 59 -16.79 -13.43 33.51
N LYS C 60 -15.77 -14.28 33.26
CA LYS C 60 -15.91 -15.73 33.37
C LYS C 60 -16.11 -16.14 34.80
N LYS C 61 -15.26 -15.65 35.71
CA LYS C 61 -15.39 -15.99 37.12
C LYS C 61 -16.69 -15.51 37.72
N LYS C 62 -17.15 -14.29 37.36
CA LYS C 62 -18.44 -13.75 37.83
C LYS C 62 -19.62 -14.62 37.33
N LYS C 63 -19.54 -15.15 36.08
CA LYS C 63 -20.58 -16.04 35.54
C LYS C 63 -20.57 -17.37 36.32
N GLU C 64 -19.37 -17.85 36.70
CA GLU C 64 -19.20 -19.10 37.45
C GLU C 64 -19.71 -19.00 38.89
N GLN C 65 -19.35 -17.90 39.62
CA GLN C 65 -19.77 -17.61 41.00
C GLN C 65 -21.31 -17.57 41.09
N MET C 66 -21.96 -16.83 40.17
CA MET C 66 -23.41 -16.70 40.10
C MET C 66 -24.08 -18.06 39.79
N GLU C 67 -23.66 -18.73 38.69
CA GLU C 67 -24.21 -20.02 38.25
C GLU C 67 -24.16 -21.12 39.31
N THR C 68 -23.04 -21.21 40.05
CA THR C 68 -22.86 -22.17 41.15
C THR C 68 -23.75 -21.80 42.36
N ASP C 69 -24.08 -20.49 42.51
CA ASP C 69 -24.93 -19.97 43.57
C ASP C 69 -26.45 -20.12 43.29
N GLY C 70 -26.81 -20.60 42.10
CA GLY C 70 -28.21 -20.84 41.73
C GLY C 70 -28.68 -20.35 40.38
N CYS C 71 -27.92 -19.43 39.75
CA CYS C 71 -28.24 -18.83 38.45
C CYS C 71 -28.23 -19.80 37.27
N SER C 72 -28.82 -19.35 36.14
CA SER C 72 -28.87 -20.08 34.87
C SER C 72 -28.11 -19.23 33.84
N GLU C 73 -27.76 -19.82 32.68
CA GLU C 73 -27.02 -19.13 31.60
C GLU C 73 -27.66 -17.80 31.22
N GLN C 74 -29.01 -17.75 31.21
CA GLN C 74 -29.79 -16.55 30.89
C GLN C 74 -29.70 -15.53 32.04
N GLU C 75 -29.79 -16.01 33.30
CA GLU C 75 -29.71 -15.17 34.50
C GLU C 75 -28.31 -14.59 34.71
N SER C 76 -27.27 -15.34 34.27
CA SER C 76 -25.86 -14.96 34.42
C SER C 76 -25.27 -14.20 33.23
N GLN C 77 -26.00 -14.09 32.10
CA GLN C 77 -25.52 -13.38 30.92
C GLN C 77 -25.60 -11.85 31.13
N PRO C 78 -24.47 -11.11 30.95
CA PRO C 78 -24.51 -9.64 31.10
C PRO C 78 -25.29 -9.03 29.95
N CYS C 79 -25.95 -7.90 30.23
CA CYS C 79 -26.76 -7.20 29.25
C CYS C 79 -26.36 -5.77 29.18
N ALA C 80 -26.69 -5.13 28.06
CA ALA C 80 -26.38 -3.73 27.83
C ALA C 80 -27.39 -3.08 26.92
N PHE C 81 -27.67 -1.82 27.24
CA PHE C 81 -28.54 -0.88 26.53
C PHE C 81 -27.69 0.36 26.31
N ILE C 82 -27.81 0.97 25.14
CA ILE C 82 -26.98 2.13 24.79
C ILE C 82 -27.82 3.28 24.32
N GLY C 83 -27.42 4.47 24.73
CA GLY C 83 -28.11 5.68 24.35
C GLY C 83 -27.23 6.89 24.31
N ILE C 84 -27.87 8.06 24.10
CA ILE C 84 -27.27 9.38 24.02
C ILE C 84 -27.67 10.17 25.32
N GLY C 85 -26.77 11.03 25.82
CA GLY C 85 -26.92 11.83 27.04
C GLY C 85 -28.30 12.37 27.41
N ASN C 86 -29.23 11.45 27.78
CA ASN C 86 -30.65 11.65 28.10
C ASN C 86 -31.48 11.73 26.80
N SER C 87 -31.19 12.75 25.94
CA SER C 87 -31.75 13.03 24.61
C SER C 87 -33.27 12.88 24.38
N ASP C 88 -34.07 12.47 25.42
CA ASP C 88 -35.52 12.20 25.33
C ASP C 88 -35.80 10.94 24.42
N GLN C 89 -34.75 10.48 23.67
CA GLN C 89 -34.71 9.29 22.80
C GLN C 89 -34.55 8.06 23.72
N GLU C 90 -35.12 6.90 23.32
CA GLU C 90 -35.04 5.66 24.11
C GLU C 90 -33.79 4.84 23.82
N MET C 91 -33.24 4.19 24.87
CA MET C 91 -32.04 3.37 24.79
C MET C 91 -32.23 2.11 23.93
N GLN C 92 -31.14 1.69 23.24
CA GLN C 92 -31.13 0.53 22.34
C GLN C 92 -30.41 -0.68 22.91
N GLN C 93 -31.08 -1.86 22.92
CA GLN C 93 -30.54 -3.13 23.43
C GLN C 93 -29.44 -3.65 22.54
N LEU C 94 -28.35 -4.10 23.15
CA LEU C 94 -27.25 -4.75 22.46
C LEU C 94 -27.34 -6.25 22.75
N ASN C 95 -26.98 -7.09 21.78
CA ASN C 95 -26.95 -8.53 21.99
C ASN C 95 -25.52 -9.08 22.24
N LEU C 96 -25.16 -9.24 23.54
CA LEU C 96 -23.86 -9.80 23.95
C LEU C 96 -23.97 -11.34 24.15
N GLU C 97 -25.07 -11.97 23.64
CA GLU C 97 -25.31 -13.41 23.78
C GLU C 97 -24.19 -14.25 23.15
N GLY C 98 -23.35 -14.81 24.02
CA GLY C 98 -22.19 -15.62 23.65
C GLY C 98 -21.19 -14.85 22.81
N LYS C 99 -20.99 -13.58 23.17
CA LYS C 99 -20.11 -12.64 22.48
C LYS C 99 -19.47 -11.73 23.52
N ASN C 100 -18.21 -11.37 23.34
CA ASN C 100 -17.55 -10.47 24.30
C ASN C 100 -17.91 -9.05 23.92
N TYR C 101 -18.37 -8.85 22.69
CA TYR C 101 -18.72 -7.52 22.22
C TYR C 101 -20.04 -7.46 21.47
N CYS C 102 -20.52 -6.22 21.28
CA CYS C 102 -21.64 -5.85 20.43
C CYS C 102 -21.54 -4.44 19.90
N THR C 103 -22.00 -4.24 18.66
CA THR C 103 -21.99 -2.94 18.02
C THR C 103 -23.38 -2.34 17.95
N ALA C 104 -23.44 -1.03 18.17
CA ALA C 104 -24.63 -0.21 18.16
C ALA C 104 -24.83 0.31 16.71
N LYS C 105 -25.36 -0.58 15.90
CA LYS C 105 -25.62 -0.39 14.49
C LYS C 105 -26.64 0.70 14.20
N THR C 106 -27.51 1.05 15.18
CA THR C 106 -28.61 2.00 14.89
C THR C 106 -28.81 3.25 15.75
N LEU C 107 -27.72 3.93 16.14
CA LEU C 107 -27.78 5.17 16.92
C LEU C 107 -27.78 6.38 16.02
N TYR C 108 -28.40 7.48 16.48
CA TYR C 108 -28.45 8.75 15.74
C TYR C 108 -28.81 9.90 16.66
N ILE C 109 -28.37 11.12 16.31
CA ILE C 109 -28.72 12.34 17.07
C ILE C 109 -29.77 13.08 16.29
N SER C 110 -30.89 13.44 16.92
CA SER C 110 -31.91 14.11 16.14
C SER C 110 -31.82 15.63 16.13
N ASP C 111 -32.72 16.24 15.34
CA ASP C 111 -32.89 17.68 15.22
C ASP C 111 -33.33 18.18 16.62
N SER C 112 -34.25 17.38 17.28
CA SER C 112 -34.76 17.60 18.64
C SER C 112 -33.60 17.87 19.60
N ASP C 113 -32.47 17.15 19.46
CA ASP C 113 -31.28 17.38 20.26
C ASP C 113 -30.56 18.60 19.67
N LYS C 114 -30.30 19.61 20.51
CA LYS C 114 -29.65 20.85 20.09
C LYS C 114 -28.23 21.00 20.65
N ARG C 115 -27.67 19.90 21.20
CA ARG C 115 -26.32 19.90 21.80
C ARG C 115 -25.16 19.96 20.79
N LYS C 116 -24.05 20.59 21.23
CA LYS C 116 -22.81 20.79 20.48
C LYS C 116 -21.93 19.53 20.61
N HIS C 117 -21.97 18.91 21.80
CA HIS C 117 -21.25 17.69 22.17
CA HIS C 117 -21.24 17.70 22.18
C HIS C 117 -22.20 16.77 22.95
N PHE C 118 -21.82 15.50 23.22
CA PHE C 118 -22.62 14.49 23.95
C PHE C 118 -21.73 13.27 24.24
N MET C 119 -22.29 12.31 25.00
CA MET C 119 -21.62 11.07 25.38
C MET C 119 -22.60 9.92 25.26
N LEU C 120 -22.09 8.74 24.95
CA LEU C 120 -22.92 7.56 24.91
C LEU C 120 -23.01 7.07 26.33
N SER C 121 -24.14 6.53 26.72
CA SER C 121 -24.37 6.02 28.04
C SER C 121 -24.70 4.53 27.90
N VAL C 122 -23.93 3.67 28.58
CA VAL C 122 -24.12 2.23 28.52
C VAL C 122 -24.64 1.77 29.88
N LYS C 123 -25.92 1.37 29.93
CA LYS C 123 -26.60 0.87 31.11
C LYS C 123 -26.40 -0.65 31.15
N MET C 124 -25.87 -1.18 32.26
CA MET C 124 -25.57 -2.61 32.34
C MET C 124 -26.02 -3.29 33.62
N PHE C 125 -26.39 -4.58 33.47
CA PHE C 125 -26.90 -5.52 34.47
C PHE C 125 -26.91 -6.93 33.85
N TYR C 126 -27.15 -7.97 34.68
CA TYR C 126 -27.25 -9.37 34.25
C TYR C 126 -28.73 -9.63 34.07
N GLY C 127 -29.09 -10.75 33.44
CA GLY C 127 -30.47 -11.15 33.16
C GLY C 127 -31.43 -11.05 34.33
N ASN C 128 -30.96 -11.44 35.53
CA ASN C 128 -31.69 -11.43 36.81
C ASN C 128 -31.86 -10.01 37.43
N SER C 129 -31.52 -8.94 36.68
CA SER C 129 -31.58 -7.52 37.03
C SER C 129 -30.50 -6.95 37.99
N ASP C 130 -29.54 -7.79 38.45
CA ASP C 130 -28.42 -7.37 39.32
C ASP C 130 -27.58 -6.29 38.59
N ASP C 131 -27.72 -5.03 39.02
CA ASP C 131 -27.11 -3.83 38.43
C ASP C 131 -25.58 -3.77 38.42
N ILE C 132 -25.00 -3.44 37.24
CA ILE C 132 -23.57 -3.20 37.05
C ILE C 132 -23.37 -1.67 37.18
N GLY C 133 -24.08 -0.91 36.34
CA GLY C 133 -24.03 0.55 36.36
C GLY C 133 -24.03 1.21 35.00
N VAL C 134 -24.02 2.54 35.00
CA VAL C 134 -24.01 3.33 33.76
C VAL C 134 -22.55 3.63 33.42
N PHE C 135 -22.14 3.44 32.16
CA PHE C 135 -20.76 3.70 31.73
C PHE C 135 -20.76 4.68 30.58
N LEU C 136 -20.17 5.85 30.81
CA LEU C 136 -20.08 6.90 29.82
C LEU C 136 -18.92 6.73 28.87
N SER C 137 -19.15 7.07 27.60
CA SER C 137 -18.08 7.04 26.61
C SER C 137 -17.34 8.36 26.78
N LYS C 138 -16.29 8.58 25.96
CA LYS C 138 -15.57 9.86 25.93
C LYS C 138 -16.48 10.86 25.17
N ARG C 139 -16.22 12.18 25.24
CA ARG C 139 -17.01 13.22 24.55
C ARG C 139 -17.03 12.96 23.02
N ILE C 140 -18.21 13.27 22.38
CA ILE C 140 -18.46 13.14 20.95
C ILE C 140 -18.94 14.50 20.41
N LYS C 141 -18.20 15.07 19.45
CA LYS C 141 -18.50 16.37 18.85
C LYS C 141 -19.65 16.24 17.85
N VAL C 142 -20.65 17.07 17.96
CA VAL C 142 -21.71 16.99 16.96
C VAL C 142 -21.27 17.91 15.82
N ILE C 143 -21.36 17.40 14.59
CA ILE C 143 -20.97 18.15 13.41
C ILE C 143 -22.05 18.06 12.37
N SER C 144 -22.11 19.07 11.53
CA SER C 144 -23.04 19.06 10.41
C SER C 144 -22.17 18.45 9.27
N LYS C 145 -22.77 18.18 8.07
CA LYS C 145 -22.06 17.60 6.92
C LYS C 145 -20.63 18.11 6.78
N PRO C 146 -19.64 17.25 6.42
CA PRO C 146 -18.26 17.76 6.28
C PRO C 146 -18.10 18.81 5.18
N SER C 147 -17.42 19.94 5.53
CA SER C 147 -17.14 21.06 4.64
C SER C 147 -16.24 20.57 3.49
N LYS C 148 -16.72 20.76 2.21
CA LYS C 148 -16.00 20.37 0.98
C LYS C 148 -14.92 21.42 0.60
N LYS C 149 -14.96 22.59 1.29
CA LYS C 149 -14.00 23.70 1.18
C LYS C 149 -12.68 23.28 1.82
N LYS C 150 -11.55 23.93 1.44
CA LYS C 150 -10.24 23.64 2.00
C LYS C 150 -10.29 23.85 3.50
N GLN C 151 -9.80 22.85 4.24
CA GLN C 151 -9.75 22.93 5.68
C GLN C 151 -8.51 23.75 6.06
N SER C 152 -8.57 24.37 7.23
CA SER C 152 -7.48 25.16 7.79
C SER C 152 -7.23 24.63 9.17
N LEU C 153 -6.03 24.83 9.69
CA LEU C 153 -5.73 24.40 11.05
C LEU C 153 -6.48 25.29 12.08
N LYS C 154 -7.19 26.33 11.59
CA LYS C 154 -8.05 27.19 12.41
C LYS C 154 -9.18 26.33 13.00
N ASN C 155 -9.43 25.19 12.34
CA ASN C 155 -10.39 24.15 12.68
C ASN C 155 -9.64 22.87 13.09
N ALA C 156 -8.49 23.02 13.83
CA ALA C 156 -7.67 21.88 14.30
C ALA C 156 -8.47 20.88 15.14
N ASP C 157 -9.57 21.34 15.74
CA ASP C 157 -10.48 20.52 16.54
C ASP C 157 -11.14 19.40 15.70
N LEU C 158 -11.07 19.49 14.35
CA LEU C 158 -11.64 18.54 13.39
C LEU C 158 -10.54 17.92 12.56
N CYS C 159 -9.29 18.35 12.81
CA CYS C 159 -8.13 17.86 12.09
C CYS C 159 -7.60 16.60 12.73
N ILE C 160 -6.60 15.95 12.10
CA ILE C 160 -6.11 14.65 12.56
C ILE C 160 -4.65 14.74 12.93
N ALA C 161 -4.36 14.62 14.23
CA ALA C 161 -2.95 14.70 14.64
C ALA C 161 -2.27 13.36 14.44
N SER C 162 -1.00 13.40 14.01
CA SER C 162 -0.15 12.22 13.86
C SER C 162 -0.09 11.51 15.23
N GLY C 163 -0.28 10.19 15.23
CA GLY C 163 -0.24 9.39 16.44
C GLY C 163 -1.57 9.11 17.08
N THR C 164 -2.64 9.62 16.47
CA THR C 164 -3.99 9.38 16.95
C THR C 164 -4.62 8.27 16.12
N LYS C 165 -5.74 7.72 16.62
CA LYS C 165 -6.45 6.62 15.98
C LYS C 165 -7.53 7.07 15.01
N VAL C 166 -7.66 6.35 13.90
CA VAL C 166 -8.68 6.57 12.87
C VAL C 166 -9.41 5.25 12.51
N ALA C 167 -10.55 5.40 11.88
CA ALA C 167 -11.32 4.30 11.35
C ALA C 167 -11.50 4.70 9.89
N LEU C 168 -11.53 3.69 9.00
CA LEU C 168 -11.63 3.94 7.57
C LEU C 168 -12.66 3.03 7.00
N PHE C 169 -13.63 3.59 6.30
CA PHE C 169 -14.65 2.73 5.69
C PHE C 169 -14.94 3.12 4.28
N ASN C 170 -15.39 2.12 3.48
CA ASN C 170 -15.85 2.25 2.11
C ASN C 170 -17.34 1.95 2.09
N ARG C 171 -18.08 2.73 1.30
CA ARG C 171 -19.52 2.64 1.08
C ARG C 171 -19.74 2.84 -0.42
N LEU C 172 -20.61 2.04 -1.01
CA LEU C 172 -20.82 2.07 -2.46
C LEU C 172 -22.26 2.45 -2.87
N ARG C 173 -22.35 3.45 -3.78
CA ARG C 173 -23.56 4.07 -4.37
C ARG C 173 -24.62 4.49 -3.34
N SER C 174 -24.16 5.15 -2.26
CA SER C 174 -24.94 5.70 -1.16
C SER C 174 -25.75 4.67 -0.37
N GLN C 175 -25.30 3.40 -0.38
CA GLN C 175 -25.98 2.31 0.32
C GLN C 175 -25.37 1.97 1.66
N THR C 176 -26.12 2.17 2.76
CA THR C 176 -25.62 1.83 4.10
C THR C 176 -25.16 0.37 4.18
N VAL C 177 -25.91 -0.51 3.50
CA VAL C 177 -25.72 -1.94 3.33
C VAL C 177 -24.27 -2.29 2.94
N SER C 178 -23.70 -1.51 2.00
CA SER C 178 -22.37 -1.77 1.47
C SER C 178 -21.20 -1.38 2.35
N THR C 179 -21.45 -0.65 3.49
CA THR C 179 -20.34 -0.20 4.37
C THR C 179 -19.49 -1.35 4.83
N ARG C 180 -18.19 -1.24 4.52
CA ARG C 180 -17.09 -2.15 4.86
C ARG C 180 -16.01 -1.30 5.51
N TYR C 181 -15.54 -1.70 6.69
CA TYR C 181 -14.55 -1.01 7.50
C TYR C 181 -13.23 -1.73 7.45
N LEU C 182 -12.13 -0.95 7.31
CA LEU C 182 -10.78 -1.52 7.36
C LEU C 182 -10.63 -2.17 8.74
N HIS C 183 -10.14 -3.40 8.74
CA HIS C 183 -9.98 -4.22 9.94
C HIS C 183 -8.88 -5.27 9.74
N VAL C 184 -8.27 -5.70 10.85
CA VAL C 184 -7.27 -6.80 10.87
C VAL C 184 -7.85 -8.00 11.68
N GLU C 185 -8.28 -9.05 10.98
CA GLU C 185 -8.79 -10.25 11.64
C GLU C 185 -7.88 -11.37 11.18
N GLY C 186 -7.31 -12.07 12.16
CA GLY C 186 -6.31 -13.09 11.89
C GLY C 186 -5.01 -12.39 11.52
N GLY C 187 -4.36 -12.90 10.46
CA GLY C 187 -3.11 -12.32 10.01
C GLY C 187 -3.23 -11.52 8.73
N ASN C 188 -4.39 -10.86 8.53
CA ASN C 188 -4.65 -10.17 7.29
C ASN C 188 -5.54 -8.98 7.48
N PHE C 189 -5.32 -7.95 6.66
CA PHE C 189 -6.18 -6.79 6.54
C PHE C 189 -7.33 -7.21 5.64
N HIS C 190 -8.52 -6.76 5.99
CA HIS C 190 -9.72 -7.03 5.24
C HIS C 190 -10.71 -5.86 5.41
N ALA C 191 -11.74 -5.85 4.59
CA ALA C 191 -12.79 -4.86 4.67
C ALA C 191 -13.98 -5.63 5.28
N SER C 192 -14.21 -5.37 6.58
CA SER C 192 -15.25 -6.03 7.34
C SER C 192 -16.59 -5.32 7.25
N SER C 193 -17.66 -6.09 7.18
CA SER C 193 -18.98 -5.50 7.14
C SER C 193 -19.52 -5.48 8.56
N GLN C 194 -18.90 -6.30 9.42
CA GLN C 194 -19.37 -6.47 10.80
C GLN C 194 -18.49 -5.88 11.89
N GLN C 195 -17.19 -5.66 11.62
CA GLN C 195 -16.15 -5.17 12.52
C GLN C 195 -15.34 -4.02 11.92
N TRP C 196 -14.62 -3.27 12.79
CA TRP C 196 -13.83 -2.11 12.41
C TRP C 196 -12.61 -1.93 13.30
N GLY C 197 -11.52 -1.51 12.68
CA GLY C 197 -10.27 -1.29 13.39
C GLY C 197 -10.07 0.16 13.71
N ALA C 198 -9.25 0.43 14.72
CA ALA C 198 -8.82 1.76 15.05
C ALA C 198 -7.37 1.69 14.67
N PHE C 199 -6.92 2.68 13.91
CA PHE C 199 -5.58 2.67 13.38
C PHE C 199 -4.85 3.91 13.76
N TYR C 200 -3.64 3.78 14.25
CA TYR C 200 -2.81 4.95 14.49
C TYR C 200 -2.44 5.43 13.10
N ILE C 201 -2.47 6.75 12.92
CA ILE C 201 -2.04 7.34 11.66
C ILE C 201 -0.80 8.10 11.98
N HIS C 202 0.35 7.52 11.63
CA HIS C 202 1.65 8.14 11.90
C HIS C 202 2.18 8.88 10.71
N LEU C 203 2.66 10.10 10.93
CA LEU C 203 3.27 10.90 9.86
C LEU C 203 4.77 10.55 9.76
N LEU C 204 5.20 10.15 8.57
CA LEU C 204 6.60 9.85 8.27
C LEU C 204 7.19 10.97 7.39
N ASP C 205 8.54 10.99 7.24
CA ASP C 205 9.21 11.92 6.33
C ASP C 205 9.11 11.30 4.94
N ASP C 206 9.18 12.14 3.92
CA ASP C 206 9.16 11.67 2.55
C ASP C 206 10.39 10.78 2.27
N ASP C 207 11.55 11.09 2.87
CA ASP C 207 12.76 10.29 2.66
C ASP C 207 12.78 8.99 3.47
N GLU C 208 11.92 8.86 4.48
CA GLU C 208 11.79 7.65 5.28
C GLU C 208 11.43 6.48 4.35
N SER C 209 12.33 5.48 4.34
CA SER C 209 12.24 4.24 3.55
C SER C 209 11.25 3.23 4.15
N GLU C 210 11.02 2.10 3.42
CA GLU C 210 10.15 1.02 3.88
C GLU C 210 10.86 0.19 4.96
N GLY C 211 10.12 -0.23 5.98
CA GLY C 211 10.67 -1.02 7.08
C GLY C 211 9.76 -1.19 8.28
N GLU C 212 10.25 -1.92 9.29
CA GLU C 212 9.55 -2.27 10.51
C GLU C 212 9.13 -1.20 11.52
N GLU C 213 9.98 -0.45 12.25
CA GLU C 213 11.29 0.19 12.19
C GLU C 213 11.21 1.41 11.29
N PHE C 214 10.55 2.45 11.83
CA PHE C 214 10.33 3.75 11.20
C PHE C 214 10.17 4.85 12.24
N THR C 215 10.58 6.05 11.85
CA THR C 215 10.55 7.26 12.66
C THR C 215 9.29 8.04 12.30
N VAL C 216 8.50 8.34 13.34
CA VAL C 216 7.26 9.10 13.27
C VAL C 216 7.44 10.54 13.75
N ARG C 217 6.80 11.46 13.04
CA ARG C 217 6.86 12.90 13.26
C ARG C 217 5.56 13.43 13.83
N ASP C 218 5.64 14.48 14.64
CA ASP C 218 4.47 15.15 15.19
C ASP C 218 3.88 16.13 14.18
N GLY C 219 2.58 16.40 14.35
CA GLY C 219 1.88 17.34 13.49
C GLY C 219 0.56 16.86 12.94
N TYR C 220 -0.17 17.77 12.33
CA TYR C 220 -1.46 17.49 11.73
C TYR C 220 -1.27 16.88 10.35
N ILE C 221 -2.01 15.80 10.08
CA ILE C 221 -1.97 15.04 8.82
C ILE C 221 -2.56 15.85 7.68
N HIS C 222 -1.73 16.09 6.66
CA HIS C 222 -2.10 16.83 5.46
C HIS C 222 -2.11 15.91 4.26
N TYR C 223 -2.94 16.24 3.28
CA TYR C 223 -2.95 15.49 2.05
C TYR C 223 -1.57 15.60 1.39
N GLY C 224 -1.16 14.53 0.72
CA GLY C 224 0.12 14.49 0.03
C GLY C 224 1.30 14.02 0.86
N GLN C 225 1.06 13.79 2.16
CA GLN C 225 2.06 13.32 3.12
C GLN C 225 2.14 11.80 3.19
N THR C 226 3.31 11.29 3.62
CA THR C 226 3.46 9.86 3.79
C THR C 226 3.06 9.49 5.19
N VAL C 227 2.15 8.51 5.27
CA VAL C 227 1.65 8.03 6.53
C VAL C 227 1.80 6.55 6.65
N LYS C 228 1.73 6.11 7.88
CA LYS C 228 1.77 4.72 8.23
C LYS C 228 0.53 4.50 9.08
N LEU C 229 -0.31 3.53 8.66
CA LEU C 229 -1.53 3.15 9.39
C LEU C 229 -1.19 1.91 10.21
N VAL C 230 -1.26 2.00 11.56
CA VAL C 230 -0.86 0.90 12.46
C VAL C 230 -2.01 0.46 13.36
N CYS C 231 -2.44 -0.79 13.24
CA CYS C 231 -3.53 -1.37 14.02
C CYS C 231 -3.32 -1.34 15.54
N SER C 232 -4.15 -0.52 16.24
CA SER C 232 -4.19 -0.31 17.69
C SER C 232 -4.36 -1.61 18.52
N VAL C 233 -4.68 -2.73 17.85
CA VAL C 233 -4.92 -4.03 18.47
C VAL C 233 -3.89 -5.12 18.06
N THR C 234 -3.74 -5.38 16.75
CA THR C 234 -2.80 -6.40 16.25
C THR C 234 -1.37 -5.85 16.08
N GLY C 235 -1.22 -4.53 16.08
CA GLY C 235 0.07 -3.86 15.90
C GLY C 235 0.62 -3.90 14.48
N MET C 236 -0.13 -4.52 13.55
CA MET C 236 0.21 -4.71 12.15
C MET C 236 0.00 -3.45 11.33
N ALA C 237 0.92 -3.18 10.38
CA ALA C 237 0.81 -1.99 9.52
C ALA C 237 0.78 -2.29 8.04
N LEU C 238 0.21 -1.41 7.27
CA LEU C 238 0.21 -1.46 5.80
C LEU C 238 1.54 -0.83 5.33
N PRO C 239 2.03 -1.05 4.08
CA PRO C 239 3.23 -0.34 3.65
C PRO C 239 2.99 1.19 3.57
N ARG C 240 4.04 2.01 3.46
CA ARG C 240 3.90 3.46 3.40
C ARG C 240 2.91 3.85 2.35
N LEU C 241 2.01 4.74 2.73
CA LEU C 241 0.96 5.25 1.87
C LEU C 241 1.05 6.75 1.81
N ILE C 242 0.60 7.34 0.69
CA ILE C 242 0.46 8.79 0.53
C ILE C 242 -1.05 9.04 0.56
N ILE C 243 -1.54 9.65 1.63
CA ILE C 243 -2.97 10.00 1.80
C ILE C 243 -3.29 11.15 0.85
N ARG C 244 -4.27 10.96 -0.01
CA ARG C 244 -4.60 11.96 -1.03
C ARG C 244 -6.09 12.34 -0.97
N LYS C 245 -6.41 13.58 -1.35
CA LYS C 245 -7.78 14.06 -1.40
C LYS C 245 -8.54 13.42 -2.57
N VAL C 246 -9.80 12.98 -2.34
CA VAL C 246 -10.70 12.38 -3.34
C VAL C 246 -11.89 13.28 -3.60
N ASP C 247 -12.19 13.49 -4.89
CA ASP C 247 -13.34 14.24 -5.40
C ASP C 247 -14.08 13.30 -6.36
N LYS C 248 -15.26 12.78 -5.93
CA LYS C 248 -16.07 11.76 -6.64
C LYS C 248 -15.20 10.48 -6.87
N GLN C 249 -14.70 10.21 -8.11
CA GLN C 249 -13.84 9.05 -8.30
C GLN C 249 -12.40 9.49 -8.69
N THR C 250 -12.05 10.74 -8.38
CA THR C 250 -10.79 11.36 -8.77
C THR C 250 -9.92 11.66 -7.55
N ALA C 251 -8.66 11.18 -7.53
CA ALA C 251 -7.66 11.48 -6.50
C ALA C 251 -7.03 12.78 -6.96
N LEU C 252 -6.78 13.73 -6.01
CA LEU C 252 -6.24 15.07 -6.27
C LEU C 252 -4.84 15.12 -5.71
N LEU C 253 -3.86 14.71 -6.57
CA LEU C 253 -2.43 14.62 -6.26
C LEU C 253 -1.77 15.89 -5.70
N ASP C 254 -2.22 17.09 -6.16
CA ASP C 254 -1.65 18.37 -5.74
C ASP C 254 -2.19 18.99 -4.42
N ALA C 255 -3.32 18.45 -3.85
CA ALA C 255 -3.89 18.92 -2.57
C ALA C 255 -2.91 18.71 -1.41
N ASP C 256 -2.81 19.71 -0.56
CA ASP C 256 -1.90 19.74 0.58
C ASP C 256 -2.58 20.24 1.89
N ASP C 257 -3.91 20.43 1.87
CA ASP C 257 -4.67 20.88 3.04
C ASP C 257 -4.78 19.83 4.17
N PRO C 258 -5.07 20.24 5.44
CA PRO C 258 -5.25 19.23 6.49
C PRO C 258 -6.42 18.27 6.21
N VAL C 259 -6.25 17.01 6.58
CA VAL C 259 -7.28 15.99 6.47
C VAL C 259 -8.19 16.22 7.68
N SER C 260 -9.48 16.34 7.40
CA SER C 260 -10.55 16.65 8.32
C SER C 260 -11.47 15.45 8.49
N GLN C 261 -12.17 15.39 9.63
CA GLN C 261 -13.19 14.38 9.94
C GLN C 261 -14.18 14.19 8.77
N LEU C 262 -14.49 12.92 8.46
CA LEU C 262 -15.47 12.50 7.46
C LEU C 262 -15.11 12.80 6.04
N HIS C 263 -13.84 13.15 5.77
CA HIS C 263 -13.38 13.41 4.43
C HIS C 263 -13.20 12.10 3.72
N LYS C 264 -13.58 12.08 2.45
CA LYS C 264 -13.35 10.94 1.58
C LYS C 264 -11.92 11.15 1.08
N CYS C 265 -11.11 10.12 1.22
CA CYS C 265 -9.72 10.17 0.83
C CYS C 265 -9.18 8.83 0.28
N ALA C 266 -7.95 8.85 -0.25
CA ALA C 266 -7.35 7.72 -0.91
C ALA C 266 -5.94 7.45 -0.43
N PHE C 267 -5.48 6.21 -0.52
CA PHE C 267 -4.17 5.88 -0.03
C PHE C 267 -3.29 5.29 -1.11
N TYR C 268 -2.44 6.12 -1.73
CA TYR C 268 -1.56 5.61 -2.75
C TYR C 268 -0.38 4.95 -2.11
N LEU C 269 -0.10 3.72 -2.52
CA LEU C 269 1.01 2.92 -2.05
C LEU C 269 2.31 3.48 -2.61
N LYS C 270 2.97 4.30 -1.79
CA LYS C 270 4.25 4.95 -2.05
C LYS C 270 5.16 3.94 -2.75
N ASP C 271 5.91 4.43 -3.76
CA ASP C 271 6.85 3.70 -4.61
C ASP C 271 6.18 2.91 -5.74
N THR C 272 4.84 2.73 -5.73
CA THR C 272 4.19 1.96 -6.81
C THR C 272 3.85 2.74 -8.05
N GLU C 273 3.32 2.04 -9.05
CA GLU C 273 2.90 2.61 -10.32
C GLU C 273 1.36 2.82 -10.29
N ARG C 274 0.89 3.94 -9.66
CA ARG C 274 -0.53 4.34 -9.46
C ARG C 274 -1.34 3.32 -8.63
N MET C 275 -0.69 2.54 -7.74
CA MET C 275 -1.45 1.54 -6.96
C MET C 275 -2.07 2.17 -5.76
N TYR C 276 -3.40 1.98 -5.60
CA TYR C 276 -4.13 2.54 -4.47
C TYR C 276 -4.72 1.41 -3.66
N LEU C 277 -4.61 1.54 -2.32
CA LEU C 277 -5.15 0.61 -1.34
C LEU C 277 -6.66 0.57 -1.67
N CYS C 278 -7.14 -0.62 -2.05
CA CYS C 278 -8.47 -0.79 -2.57
C CYS C 278 -9.11 -2.04 -2.04
N LEU C 279 -10.43 -2.08 -1.97
CA LEU C 279 -11.13 -3.25 -1.53
C LEU C 279 -11.87 -3.91 -2.69
N SER C 280 -12.00 -5.23 -2.60
CA SER C 280 -12.70 -6.07 -3.57
C SER C 280 -13.42 -7.10 -2.70
N GLN C 281 -14.73 -6.83 -2.41
CA GLN C 281 -15.56 -7.60 -1.48
C GLN C 281 -14.87 -7.44 -0.07
N GLU C 282 -14.51 -8.54 0.61
CA GLU C 282 -13.87 -8.49 1.92
C GLU C 282 -12.33 -8.33 1.81
N ARG C 283 -11.78 -8.59 0.62
CA ARG C 283 -10.34 -8.54 0.34
C ARG C 283 -9.78 -7.12 0.15
N ILE C 284 -8.59 -6.85 0.74
CA ILE C 284 -7.86 -5.58 0.58
C ILE C 284 -6.71 -5.82 -0.43
N ILE C 285 -6.86 -5.23 -1.61
CA ILE C 285 -5.95 -5.34 -2.75
C ILE C 285 -5.26 -4.01 -3.06
N GLN C 286 -4.41 -4.02 -4.10
CA GLN C 286 -3.71 -2.92 -4.78
C GLN C 286 -4.53 -2.76 -6.07
N PHE C 287 -4.95 -1.54 -6.42
CA PHE C 287 -5.68 -1.38 -7.67
C PHE C 287 -5.13 -0.17 -8.36
N GLN C 288 -4.78 -0.35 -9.63
CA GLN C 288 -4.15 0.72 -10.40
C GLN C 288 -5.11 1.79 -10.88
N ALA C 289 -4.70 3.05 -10.72
CA ALA C 289 -5.46 4.19 -11.15
C ALA C 289 -5.22 4.39 -12.64
N THR C 290 -6.20 4.99 -13.34
CA THR C 290 -6.21 5.35 -14.77
C THR C 290 -5.93 6.89 -14.85
N PRO C 291 -5.16 7.33 -15.87
CA PRO C 291 -4.79 8.73 -15.94
C PRO C 291 -5.88 9.72 -16.34
N CYS C 292 -5.60 11.00 -16.14
CA CYS C 292 -6.49 12.04 -16.59
C CYS C 292 -5.85 12.80 -17.73
N PRO C 293 -6.17 12.48 -19.00
CA PRO C 293 -5.55 13.24 -20.10
C PRO C 293 -5.53 14.75 -19.85
N LYS C 294 -4.34 15.36 -20.05
CA LYS C 294 -4.10 16.80 -19.89
C LYS C 294 -4.23 17.30 -18.42
N GLU C 295 -4.21 16.39 -17.41
CA GLU C 295 -4.39 16.74 -16.01
C GLU C 295 -3.57 15.92 -15.04
N GLN C 296 -2.25 16.05 -15.15
CA GLN C 296 -1.15 15.46 -14.38
C GLN C 296 -1.46 15.28 -12.89
N ASN C 297 -2.08 16.26 -12.26
CA ASN C 297 -2.37 16.24 -10.82
C ASN C 297 -3.64 15.44 -10.40
N LYS C 298 -4.22 14.67 -11.33
CA LYS C 298 -5.44 13.89 -11.10
C LYS C 298 -5.31 12.47 -11.65
N GLU C 299 -5.90 11.49 -10.92
CA GLU C 299 -5.94 10.08 -11.33
C GLU C 299 -7.30 9.54 -11.02
N MET C 300 -7.84 8.70 -11.89
CA MET C 300 -9.16 8.11 -11.65
C MET C 300 -8.97 6.84 -10.83
N ILE C 301 -9.74 6.73 -9.72
CA ILE C 301 -9.64 5.60 -8.79
C ILE C 301 -10.85 4.66 -8.76
N ASN C 302 -10.63 3.42 -8.29
CA ASN C 302 -11.68 2.43 -8.16
C ASN C 302 -12.61 2.86 -7.05
N ASP C 303 -13.89 2.50 -7.16
CA ASP C 303 -14.92 2.87 -6.17
C ASP C 303 -14.62 2.29 -4.81
N GLY C 304 -13.81 1.24 -4.78
CA GLY C 304 -13.38 0.58 -3.55
C GLY C 304 -12.07 1.12 -3.04
N ALA C 305 -11.57 2.23 -3.65
CA ALA C 305 -10.31 2.88 -3.30
C ALA C 305 -10.52 4.25 -2.69
N SER C 306 -11.78 4.57 -2.37
CA SER C 306 -12.17 5.80 -1.68
C SER C 306 -12.59 5.41 -0.27
N TRP C 307 -11.92 5.97 0.72
CA TRP C 307 -12.13 5.66 2.12
C TRP C 307 -12.58 6.89 2.88
N THR C 308 -13.58 6.77 3.77
CA THR C 308 -14.02 7.87 4.62
C THR C 308 -13.26 7.75 5.96
N ILE C 309 -12.48 8.79 6.31
CA ILE C 309 -11.68 8.83 7.55
C ILE C 309 -12.47 9.51 8.67
N ILE C 310 -12.27 9.02 9.91
CA ILE C 310 -12.90 9.53 11.13
C ILE C 310 -12.09 9.14 12.38
N SER C 311 -11.77 10.13 13.20
CA SER C 311 -11.02 9.96 14.44
C SER C 311 -11.85 9.21 15.49
N THR C 312 -11.23 8.23 16.15
CA THR C 312 -11.90 7.39 17.16
C THR C 312 -11.23 7.57 18.52
N ASP C 313 -11.92 7.11 19.56
CA ASP C 313 -11.43 7.16 20.92
C ASP C 313 -12.00 5.96 21.67
N LYS C 314 -11.52 5.75 22.92
CA LYS C 314 -12.02 4.70 23.77
C LYS C 314 -12.11 5.06 25.21
N ALA C 315 -13.15 4.52 25.87
CA ALA C 315 -13.41 4.59 27.29
C ALA C 315 -13.09 3.18 27.77
N GLU C 316 -12.62 3.08 29.01
CA GLU C 316 -12.17 1.86 29.66
C GLU C 316 -12.44 1.98 31.13
N TYR C 317 -13.08 0.98 31.72
CA TYR C 317 -13.39 0.96 33.13
C TYR C 317 -13.16 -0.42 33.64
N THR C 318 -12.20 -0.54 34.53
CA THR C 318 -11.78 -1.79 35.09
C THR C 318 -12.19 -1.72 36.53
N PHE C 319 -12.91 -2.75 37.00
CA PHE C 319 -13.39 -2.89 38.37
C PHE C 319 -13.27 -4.34 38.84
N TYR C 320 -13.45 -4.59 40.14
CA TYR C 320 -13.30 -5.92 40.70
C TYR C 320 -14.07 -6.06 42.02
N GLU C 321 -14.92 -7.12 42.15
CA GLU C 321 -15.70 -7.41 43.36
C GLU C 321 -14.73 -8.00 44.39
N GLY C 322 -13.94 -7.10 44.98
CA GLY C 322 -12.88 -7.38 45.94
C GLY C 322 -13.25 -8.12 47.19
N MET C 323 -14.50 -7.92 47.69
CA MET C 323 -14.96 -8.64 48.88
C MET C 323 -16.17 -9.53 48.59
N GLY C 324 -16.40 -9.78 47.30
CA GLY C 324 -17.50 -10.62 46.81
C GLY C 324 -18.65 -9.80 46.26
N PRO C 325 -19.80 -10.42 45.91
CA PRO C 325 -20.92 -9.66 45.35
C PRO C 325 -21.44 -8.49 46.19
N VAL C 326 -21.23 -7.29 45.66
CA VAL C 326 -21.65 -6.02 46.24
C VAL C 326 -23.05 -5.70 45.74
N LEU C 327 -23.94 -5.35 46.67
CA LEU C 327 -25.34 -5.05 46.37
C LEU C 327 -25.54 -3.70 45.65
N ALA C 328 -24.54 -2.81 45.74
CA ALA C 328 -24.53 -1.49 45.12
C ALA C 328 -23.89 -1.51 43.70
N PRO C 329 -24.23 -0.55 42.80
CA PRO C 329 -23.58 -0.54 41.48
C PRO C 329 -22.13 -0.10 41.56
N VAL C 330 -21.23 -0.77 40.81
CA VAL C 330 -19.78 -0.49 40.74
C VAL C 330 -19.41 0.89 40.17
N THR C 331 -20.29 1.48 39.36
CA THR C 331 -20.07 2.78 38.75
C THR C 331 -20.41 3.93 39.70
N PRO C 332 -19.93 5.17 39.47
CA PRO C 332 -19.02 5.64 38.40
C PRO C 332 -17.60 5.21 38.70
N VAL C 333 -17.00 4.43 37.77
CA VAL C 333 -15.66 3.88 37.92
C VAL C 333 -14.65 5.01 37.88
N PRO C 334 -13.85 5.16 38.98
CA PRO C 334 -12.87 6.26 39.05
C PRO C 334 -11.72 6.06 38.08
N VAL C 335 -11.46 7.05 37.27
CA VAL C 335 -10.39 6.95 36.29
C VAL C 335 -9.18 7.81 36.72
N VAL C 336 -7.96 7.23 36.70
CA VAL C 336 -6.76 7.99 37.08
C VAL C 336 -5.91 8.29 35.83
N GLU C 337 -5.72 9.59 35.55
CA GLU C 337 -4.93 10.06 34.40
C GLU C 337 -3.43 10.06 34.71
N SER C 338 -3.05 10.53 35.91
CA SER C 338 -1.65 10.59 36.34
C SER C 338 -1.49 10.67 37.85
N LEU C 339 -0.22 10.62 38.27
CA LEU C 339 0.22 10.72 39.66
C LEU C 339 1.37 11.70 39.69
N GLN C 340 1.56 12.35 40.84
CA GLN C 340 2.65 13.29 41.05
C GLN C 340 2.91 13.48 42.52
N LEU C 341 4.21 13.45 42.89
CA LEU C 341 4.66 13.71 44.25
C LEU C 341 4.53 15.21 44.47
N ASN C 342 4.26 15.65 45.71
CA ASN C 342 4.03 17.06 45.97
C ASN C 342 5.26 18.03 45.89
N GLY C 343 6.10 18.19 46.93
CA GLY C 343 6.01 17.56 48.24
C GLY C 343 6.83 16.28 48.37
N GLY C 344 8.14 16.41 48.61
CA GLY C 344 8.91 17.67 48.66
C GLY C 344 8.89 18.40 50.00
N GLY C 345 9.42 17.73 51.02
CA GLY C 345 9.48 18.24 52.39
C GLY C 345 8.84 17.26 53.33
N ASP C 346 9.65 16.68 54.25
CA ASP C 346 9.26 15.67 55.25
C ASP C 346 8.42 14.52 54.65
N VAL C 347 7.13 14.37 55.05
CA VAL C 347 6.28 13.31 54.50
C VAL C 347 5.94 13.56 53.03
N ALA C 348 5.86 12.46 52.26
CA ALA C 348 5.58 12.50 50.83
C ALA C 348 4.10 12.38 50.53
N MET C 349 3.63 13.24 49.62
CA MET C 349 2.23 13.30 49.22
C MET C 349 2.08 12.99 47.76
N LEU C 350 1.21 12.03 47.43
CA LEU C 350 0.93 11.64 46.06
C LEU C 350 -0.42 12.21 45.65
N GLU C 351 -0.43 13.01 44.55
CA GLU C 351 -1.62 13.65 44.01
C GLU C 351 -2.15 12.82 42.84
N LEU C 352 -3.42 12.37 42.94
CA LEU C 352 -4.10 11.59 41.90
C LEU C 352 -5.03 12.52 41.12
N THR C 353 -4.81 12.64 39.80
CA THR C 353 -5.68 13.43 38.93
C THR C 353 -6.47 12.51 37.99
N GLY C 354 -7.79 12.71 37.98
CA GLY C 354 -8.72 11.93 37.18
C GLY C 354 -10.17 12.37 37.24
N GLN C 355 -11.10 11.39 37.28
CA GLN C 355 -12.56 11.60 37.30
C GLN C 355 -13.24 10.54 38.16
N ASN C 356 -14.51 10.82 38.54
CA ASN C 356 -15.39 9.91 39.30
C ASN C 356 -14.89 9.54 40.72
N PHE C 357 -14.05 10.42 41.33
CA PHE C 357 -13.52 10.22 42.69
C PHE C 357 -14.58 10.62 43.72
N THR C 358 -14.84 9.75 44.72
CA THR C 358 -15.80 9.99 45.81
C THR C 358 -15.04 9.94 47.14
N PRO C 359 -15.54 10.53 48.25
CA PRO C 359 -14.82 10.40 49.54
C PRO C 359 -14.70 8.96 50.05
N ASN C 360 -15.52 8.04 49.48
CA ASN C 360 -15.60 6.61 49.80
C ASN C 360 -14.41 5.78 49.27
N LEU C 361 -13.43 6.43 48.61
CA LEU C 361 -12.29 5.73 48.01
C LEU C 361 -11.01 5.94 48.78
N ARG C 362 -10.19 4.87 48.88
CA ARG C 362 -8.88 4.90 49.53
C ARG C 362 -7.83 4.38 48.57
N VAL C 363 -6.65 5.02 48.57
CA VAL C 363 -5.51 4.66 47.70
C VAL C 363 -4.73 3.53 48.35
N TRP C 364 -4.35 2.53 47.57
CA TRP C 364 -3.56 1.43 48.10
C TRP C 364 -2.24 1.28 47.36
N PHE C 365 -1.15 1.23 48.13
CA PHE C 365 0.19 1.00 47.59
C PHE C 365 0.39 -0.48 47.84
N GLY C 366 0.32 -1.29 46.77
CA GLY C 366 0.37 -2.75 46.90
C GLY C 366 -0.71 -3.19 47.88
N ASP C 367 -0.32 -3.97 48.92
CA ASP C 367 -1.22 -4.46 49.98
C ASP C 367 -1.38 -3.51 51.19
N VAL C 368 -0.85 -2.29 51.09
CA VAL C 368 -0.84 -1.24 52.13
C VAL C 368 -1.86 -0.11 51.84
N GLU C 369 -2.94 -0.02 52.65
CA GLU C 369 -3.96 1.03 52.46
C GLU C 369 -3.35 2.39 52.85
N ALA C 370 -3.72 3.47 52.15
CA ALA C 370 -3.12 4.79 52.45
C ALA C 370 -4.11 5.82 53.02
N GLU C 371 -3.56 6.80 53.76
CA GLU C 371 -4.32 7.89 54.34
C GLU C 371 -4.71 8.85 53.20
N THR C 372 -5.94 8.67 52.67
CA THR C 372 -6.49 9.43 51.54
C THR C 372 -7.40 10.60 51.99
N MET C 373 -7.42 11.69 51.18
CA MET C 373 -8.29 12.85 51.34
C MET C 373 -8.84 13.29 49.98
N TYR C 374 -10.13 13.58 49.92
CA TYR C 374 -10.86 13.98 48.73
C TYR C 374 -10.96 15.51 48.67
N ARG C 375 -10.54 16.12 47.52
CA ARG C 375 -10.61 17.57 47.27
C ARG C 375 -11.88 17.87 46.44
N CYS C 376 -12.01 17.15 45.31
CA CYS C 376 -13.14 17.15 44.37
C CYS C 376 -13.01 15.85 43.55
N GLY C 377 -13.97 15.59 42.67
CA GLY C 377 -13.97 14.38 41.86
C GLY C 377 -12.80 14.22 40.90
N GLU C 378 -12.00 15.28 40.73
CA GLU C 378 -10.87 15.35 39.79
C GLU C 378 -9.49 15.23 40.43
N SER C 379 -9.31 15.74 41.67
CA SER C 379 -8.04 15.61 42.38
C SER C 379 -8.23 14.88 43.71
N MET C 380 -7.18 14.16 44.14
CA MET C 380 -7.23 13.37 45.36
C MET C 380 -5.83 13.17 45.92
N LEU C 381 -5.66 13.42 47.22
CA LEU C 381 -4.38 13.33 47.88
C LEU C 381 -4.24 12.15 48.82
N CYS C 382 -3.04 11.58 48.90
CA CYS C 382 -2.75 10.49 49.81
C CYS C 382 -1.34 10.55 50.41
N VAL C 383 -1.19 10.05 51.65
CA VAL C 383 0.11 10.00 52.32
C VAL C 383 0.82 8.74 51.87
N VAL C 384 1.97 8.91 51.20
CA VAL C 384 2.84 7.81 50.74
C VAL C 384 3.33 7.03 52.01
N PRO C 385 3.04 5.71 52.07
CA PRO C 385 3.45 4.92 53.25
C PRO C 385 4.97 4.77 53.42
N ASP C 386 5.47 4.73 54.67
CA ASP C 386 6.90 4.54 54.96
C ASP C 386 7.37 3.21 54.35
N ILE C 387 8.59 3.18 53.79
CA ILE C 387 9.17 2.01 53.12
C ILE C 387 9.13 0.70 53.95
N SER C 388 9.17 0.81 55.29
CA SER C 388 9.10 -0.33 56.23
C SER C 388 7.86 -1.17 55.99
N ALA C 389 6.79 -0.55 55.44
CA ALA C 389 5.52 -1.20 55.10
C ALA C 389 5.72 -2.36 54.12
N PHE C 390 6.70 -2.20 53.19
CA PHE C 390 7.06 -3.13 52.11
C PHE C 390 8.32 -3.97 52.35
N ARG C 391 9.31 -3.43 53.09
CA ARG C 391 10.58 -4.09 53.41
C ARG C 391 10.84 -3.88 54.88
N GLU C 392 10.67 -4.93 55.71
CA GLU C 392 10.83 -4.84 57.16
C GLU C 392 12.26 -4.48 57.53
N GLY C 393 12.41 -3.50 58.41
CA GLY C 393 13.73 -3.03 58.85
C GLY C 393 14.44 -2.10 57.90
N TRP C 394 13.71 -1.49 56.97
CA TRP C 394 14.30 -0.53 56.06
C TRP C 394 13.87 0.83 56.55
N ARG C 395 14.82 1.61 57.03
CA ARG C 395 14.49 2.97 57.47
C ARG C 395 14.76 3.97 56.34
N TRP C 396 15.44 3.51 55.27
CA TRP C 396 15.81 4.25 54.05
C TRP C 396 15.49 3.35 52.86
N VAL C 397 15.31 3.96 51.67
CA VAL C 397 15.09 3.23 50.42
C VAL C 397 16.49 2.72 50.03
N ARG C 398 16.82 1.53 50.54
CA ARG C 398 18.11 0.88 50.32
C ARG C 398 18.23 0.50 48.83
N GLN C 399 17.10 0.16 48.19
CA GLN C 399 17.03 -0.20 46.77
C GLN C 399 15.68 0.24 46.22
N PRO C 400 15.55 0.56 44.91
CA PRO C 400 14.23 0.94 44.37
C PRO C 400 13.14 -0.12 44.56
N VAL C 401 11.99 0.31 45.11
CA VAL C 401 10.83 -0.57 45.33
C VAL C 401 9.66 -0.04 44.49
N GLN C 402 9.12 -0.88 43.60
CA GLN C 402 7.98 -0.53 42.77
C GLN C 402 6.74 -1.21 43.32
N VAL C 403 5.67 -0.43 43.56
CA VAL C 403 4.39 -0.94 44.12
C VAL C 403 3.21 -0.46 43.29
N PRO C 404 2.15 -1.30 43.12
CA PRO C 404 0.99 -0.85 42.34
C PRO C 404 0.13 0.14 43.10
N VAL C 405 -0.44 1.09 42.37
CA VAL C 405 -1.35 2.09 42.91
C VAL C 405 -2.78 1.64 42.50
N THR C 406 -3.61 1.36 43.52
CA THR C 406 -4.97 0.89 43.32
C THR C 406 -5.96 1.72 44.09
N LEU C 407 -7.19 1.84 43.57
CA LEU C 407 -8.27 2.54 44.22
C LEU C 407 -9.27 1.52 44.76
N VAL C 408 -9.65 1.70 46.02
CA VAL C 408 -10.56 0.77 46.68
C VAL C 408 -11.76 1.49 47.28
N ARG C 409 -12.98 0.97 47.01
CA ARG C 409 -14.23 1.53 47.53
C ARG C 409 -14.58 0.92 48.89
N ASN C 410 -15.35 1.66 49.71
CA ASN C 410 -15.85 1.29 51.04
C ASN C 410 -16.48 -0.11 51.10
N ASP C 411 -17.21 -0.49 50.03
CA ASP C 411 -17.89 -1.78 49.93
C ASP C 411 -17.01 -2.97 49.43
N GLY C 412 -15.75 -2.71 49.11
CA GLY C 412 -14.84 -3.77 48.67
C GLY C 412 -14.41 -3.74 47.22
N VAL C 413 -15.15 -3.00 46.37
CA VAL C 413 -14.82 -2.89 44.94
C VAL C 413 -13.42 -2.30 44.74
N ILE C 414 -12.61 -2.98 43.91
CA ILE C 414 -11.23 -2.58 43.58
C ILE C 414 -11.20 -2.01 42.17
N TYR C 415 -10.67 -0.78 42.03
CA TYR C 415 -10.51 -0.10 40.75
C TYR C 415 -9.05 -0.05 40.32
N SER C 416 -8.67 -1.01 39.49
CA SER C 416 -7.32 -1.13 39.00
C SER C 416 -6.96 0.17 38.26
N THR C 417 -5.74 0.66 38.46
CA THR C 417 -5.23 1.84 37.75
C THR C 417 -4.03 1.39 36.93
N SER C 418 -3.81 2.00 35.76
CA SER C 418 -2.66 1.64 34.92
C SER C 418 -1.30 1.90 35.64
N LEU C 419 -1.34 2.72 36.70
CA LEU C 419 -0.18 3.26 37.41
C LEU C 419 0.43 2.54 38.62
N THR C 420 1.75 2.82 38.86
CA THR C 420 2.59 2.29 39.94
C THR C 420 3.48 3.37 40.61
N PHE C 421 3.88 3.11 41.87
CA PHE C 421 4.73 4.00 42.66
C PHE C 421 6.14 3.41 42.86
N THR C 422 7.18 4.20 42.61
CA THR C 422 8.53 3.70 42.81
C THR C 422 9.31 4.48 43.87
N TYR C 423 9.57 3.83 45.04
CA TYR C 423 10.37 4.43 46.12
C TYR C 423 11.79 4.50 45.60
N THR C 424 12.44 5.67 45.73
CA THR C 424 13.77 5.85 45.16
C THR C 424 14.85 6.19 46.18
N PRO C 425 16.05 5.58 46.08
CA PRO C 425 17.15 5.95 46.98
C PRO C 425 17.57 7.42 46.82
N GLU C 426 17.75 8.08 47.96
CA GLU C 426 18.07 9.50 48.15
C GLU C 426 19.58 9.75 48.25
N SER D 1 8.14 13.23 17.46
CA SER D 1 9.31 12.34 17.41
C SER D 1 8.97 10.92 17.89
N GLY D 2 9.89 9.99 17.65
CA GLY D 2 9.74 8.62 18.10
C GLY D 2 9.89 7.55 17.04
N LEU D 3 10.31 6.36 17.48
CA LEU D 3 10.45 5.16 16.66
C LEU D 3 9.24 4.24 16.90
N VAL D 4 8.71 3.67 15.81
CA VAL D 4 7.58 2.77 15.87
C VAL D 4 7.93 1.50 15.10
N LYS D 5 7.66 0.33 15.70
CA LYS D 5 7.88 -0.96 15.06
C LYS D 5 6.49 -1.52 14.77
N ALA D 6 6.23 -1.91 13.53
CA ALA D 6 4.95 -2.44 13.09
C ALA D 6 5.12 -3.33 11.83
N PRO D 7 4.97 -4.68 11.95
CA PRO D 7 5.13 -5.55 10.77
C PRO D 7 4.20 -5.20 9.61
N VAL D 8 4.74 -5.21 8.41
CA VAL D 8 3.96 -4.87 7.22
C VAL D 8 3.13 -6.02 6.63
N TRP D 9 1.93 -5.68 6.25
CA TRP D 9 1.01 -6.57 5.57
C TRP D 9 0.86 -6.00 4.16
N TRP D 10 1.29 -6.74 3.16
CA TRP D 10 1.31 -6.32 1.78
C TRP D 10 0.03 -6.64 1.02
N PRO D 11 -0.78 -5.61 0.65
CA PRO D 11 -1.95 -5.88 -0.19
C PRO D 11 -1.53 -6.61 -1.46
N MET D 12 -2.37 -7.53 -1.94
CA MET D 12 -1.98 -8.24 -3.16
C MET D 12 -2.71 -7.89 -4.42
N LYS D 13 -2.17 -8.39 -5.54
CA LYS D 13 -2.73 -8.28 -6.88
C LYS D 13 -2.44 -9.58 -7.67
N ASP D 14 -2.88 -9.62 -8.94
CA ASP D 14 -2.73 -10.73 -9.88
C ASP D 14 -1.45 -10.49 -10.77
N ASN D 15 -0.80 -11.50 -11.43
CA ASN D 15 -1.07 -12.94 -11.58
C ASN D 15 -2.32 -13.23 -12.45
#